data_6PCU
#
_entry.id   6PCU
#
_cell.length_a   182.428
_cell.length_b   182.428
_cell.length_c   193.753
_cell.angle_alpha   90.00
_cell.angle_beta   90.00
_cell.angle_gamma   90.00
#
_symmetry.space_group_name_H-M   'I 41 2 2'
#
loop_
_entity.id
_entity.type
_entity.pdbx_description
1 polymer 'Outer capsid protein VP4'
2 polymer 'Variable domain of antibody scFv9'
3 non-polymer GLYCEROL
4 non-polymer 'SULFATE ION'
5 water water
#
loop_
_entity_poly.entity_id
_entity_poly.type
_entity_poly.pdbx_seq_one_letter_code
_entity_poly.pdbx_strand_id
1 'polypeptide(L)'
;GSILDGPYQPTTFKPPNDYWLLISSNTDGVVYESTNNSDFWTAVIAVEPHVSQTNRQYVLFGENKQFNVENSSDKWKFFE
MFKGSSQSDFSNRRTLTSNNRLVGMLKYGGRVWTFHGETPRATTDSSNTADLNNISIIIHSEFYIIPRSQESKCNEYINN
GL
;
A,D,G
2 'polypeptide(L)'
;GSQPVLTQPPSASASLGASVTLTCTLSSGYSNYKVDWYQQRPGKGPRFVMRVGTGGIVGSKGDGIADRFSVSGSGLNRSL
TIKNIQEEDESDYHCGADHGSGDNFVRVFGGGTKLTVLGGGGSGGGGSGGGGSQVQLQESGPGLVKPSQTLSLTCSVSGV
SLSGGSYTWNWIRQPAGKGLEWIGRIFTSGSTNYNPSLKGRLTMSIDTSKNQLSLRLSSVTAADTAVYYCVADYYYSVPD
VWGQGTPVTVSS
;
B,E,H
#
loop_
_chem_comp.id
_chem_comp.type
_chem_comp.name
_chem_comp.formula
GOL non-polymer GLYCEROL 'C3 H8 O3'
SO4 non-polymer 'SULFATE ION' 'O4 S -2'
#
# COMPACT_ATOMS: atom_id res chain seq x y z
N GLY A 1 -30.27 -40.44 16.13
CA GLY A 1 -29.11 -41.06 15.52
C GLY A 1 -28.48 -40.22 14.43
N SER A 2 -28.77 -38.91 14.45
CA SER A 2 -28.36 -38.02 13.38
C SER A 2 -27.74 -36.75 13.94
N ILE A 3 -26.58 -36.38 13.42
CA ILE A 3 -26.08 -35.01 13.57
C ILE A 3 -26.62 -34.12 12.45
N LEU A 4 -26.71 -34.67 11.24
CA LEU A 4 -27.16 -33.94 10.07
C LEU A 4 -28.68 -34.10 9.99
N ASP A 5 -29.40 -33.06 10.38
CA ASP A 5 -30.85 -33.02 10.25
C ASP A 5 -31.19 -32.54 8.84
N GLY A 6 -31.73 -33.43 8.01
CA GLY A 6 -32.02 -33.11 6.63
C GLY A 6 -31.80 -34.30 5.73
N PRO A 7 -31.56 -34.05 4.42
CA PRO A 7 -31.47 -32.72 3.79
C PRO A 7 -32.83 -32.10 3.52
N TYR A 8 -32.91 -30.78 3.49
CA TYR A 8 -34.19 -30.11 3.32
C TYR A 8 -34.28 -29.50 1.93
N GLN A 9 -35.48 -29.54 1.36
CA GLN A 9 -35.72 -28.95 0.05
C GLN A 9 -35.32 -27.47 0.09
N PRO A 10 -34.72 -26.95 -0.99
CA PRO A 10 -34.47 -25.51 -1.09
C PRO A 10 -35.72 -24.71 -0.76
N THR A 11 -35.55 -23.63 -0.01
CA THR A 11 -36.73 -22.90 0.46
C THR A 11 -36.35 -21.50 0.89
N THR A 12 -37.37 -20.70 1.20
CA THR A 12 -37.19 -19.37 1.77
C THR A 12 -37.81 -19.34 3.15
N PHE A 13 -37.01 -18.95 4.15
CA PHE A 13 -37.53 -18.93 5.51
C PHE A 13 -36.58 -18.15 6.41
N LYS A 14 -37.08 -17.86 7.62
CA LYS A 14 -36.33 -17.18 8.67
C LYS A 14 -35.75 -18.25 9.61
N PRO A 15 -34.46 -18.56 9.52
CA PRO A 15 -33.91 -19.63 10.34
C PRO A 15 -33.90 -19.25 11.80
N PRO A 16 -34.08 -20.21 12.71
CA PRO A 16 -33.96 -19.90 14.14
C PRO A 16 -32.53 -19.55 14.51
N ASN A 17 -32.40 -18.86 15.64
CA ASN A 17 -31.09 -18.51 16.16
C ASN A 17 -30.39 -19.74 16.73
N ASP A 18 -29.06 -19.72 16.68
CA ASP A 18 -28.19 -20.76 17.24
C ASP A 18 -28.32 -22.08 16.48
N TYR A 19 -28.45 -22.01 15.16
CA TYR A 19 -28.45 -23.22 14.33
C TYR A 19 -27.66 -22.95 13.06
N TRP A 20 -26.66 -23.79 12.82
CA TRP A 20 -25.94 -23.78 11.57
C TRP A 20 -26.79 -24.38 10.46
N LEU A 21 -26.94 -23.62 9.38
CA LEU A 21 -27.46 -24.15 8.12
C LEU A 21 -26.26 -24.61 7.31
N LEU A 22 -26.20 -25.92 7.05
CA LEU A 22 -25.15 -26.54 6.25
C LEU A 22 -25.71 -26.75 4.86
N ILE A 23 -25.25 -25.96 3.89
CA ILE A 23 -25.83 -25.92 2.57
C ILE A 23 -24.90 -26.65 1.60
N SER A 24 -25.47 -27.59 0.85
CA SER A 24 -24.73 -28.46 -0.05
C SER A 24 -24.89 -28.00 -1.48
N SER A 25 -23.80 -27.47 -2.05
CA SER A 25 -23.83 -26.95 -3.41
C SER A 25 -23.71 -28.07 -4.43
N ASN A 26 -24.61 -28.07 -5.40
CA ASN A 26 -24.64 -29.11 -6.43
C ASN A 26 -23.94 -28.64 -7.70
N THR A 27 -24.17 -27.39 -8.08
CA THR A 27 -23.72 -26.83 -9.34
C THR A 27 -23.30 -25.39 -9.10
N ASP A 28 -22.71 -24.78 -10.12
CA ASP A 28 -22.26 -23.39 -10.01
C ASP A 28 -23.44 -22.43 -10.05
N GLY A 29 -23.25 -21.27 -9.45
CA GLY A 29 -24.28 -20.24 -9.42
C GLY A 29 -24.60 -19.81 -7.99
N VAL A 30 -25.69 -19.06 -7.85
CA VAL A 30 -26.09 -18.57 -6.53
C VAL A 30 -26.44 -19.75 -5.65
N VAL A 31 -25.82 -19.81 -4.47
CA VAL A 31 -26.14 -20.83 -3.49
C VAL A 31 -27.24 -20.39 -2.55
N TYR A 32 -27.19 -19.14 -2.08
CA TYR A 32 -28.24 -18.60 -1.25
C TYR A 32 -28.15 -17.07 -1.22
N GLU A 33 -29.30 -16.45 -0.93
CA GLU A 33 -29.37 -15.02 -0.68
C GLU A 33 -29.99 -14.79 0.69
N SER A 34 -29.44 -13.85 1.47
CA SER A 34 -30.00 -13.59 2.78
C SER A 34 -29.98 -12.10 3.06
N THR A 35 -31.04 -11.62 3.72
CA THR A 35 -31.09 -10.20 4.08
C THR A 35 -32.16 -9.96 5.12
N ASN A 36 -32.00 -8.84 5.84
CA ASN A 36 -33.04 -8.32 6.72
C ASN A 36 -33.65 -7.05 6.15
N ASN A 37 -33.15 -6.58 5.02
CA ASN A 37 -33.61 -5.38 4.31
C ASN A 37 -33.30 -4.11 5.08
N SER A 38 -32.38 -4.16 6.06
CA SER A 38 -32.03 -2.99 6.85
C SER A 38 -30.54 -2.71 6.75
N ASP A 39 -29.68 -3.58 7.30
CA ASP A 39 -28.24 -3.36 7.28
C ASP A 39 -27.45 -4.56 6.83
N PHE A 40 -28.09 -5.65 6.41
CA PHE A 40 -27.41 -6.90 6.09
C PHE A 40 -27.91 -7.43 4.76
N TRP A 41 -27.00 -7.52 3.77
CA TRP A 41 -27.28 -8.17 2.50
C TRP A 41 -26.08 -9.05 2.17
N THR A 42 -26.31 -10.36 2.01
CA THR A 42 -25.25 -11.27 1.59
C THR A 42 -25.78 -12.31 0.62
N ALA A 43 -24.92 -12.70 -0.32
CA ALA A 43 -25.23 -13.74 -1.29
C ALA A 43 -23.96 -14.48 -1.61
N VAL A 44 -24.02 -15.81 -1.60
CA VAL A 44 -22.86 -16.64 -1.91
C VAL A 44 -23.02 -17.18 -3.32
N ILE A 45 -21.98 -17.07 -4.13
CA ILE A 45 -21.97 -17.69 -5.45
C ILE A 45 -20.89 -18.75 -5.49
N ALA A 46 -21.15 -19.79 -6.29
CA ALA A 46 -20.29 -20.96 -6.41
C ALA A 46 -19.67 -21.01 -7.80
N VAL A 47 -18.34 -21.12 -7.83
CA VAL A 47 -17.56 -21.26 -9.06
C VAL A 47 -16.83 -22.59 -8.98
N GLU A 48 -16.95 -23.40 -10.04
CA GLU A 48 -16.41 -24.75 -10.05
C GLU A 48 -14.90 -24.71 -10.30
N PRO A 49 -14.21 -25.83 -10.06
CA PRO A 49 -12.74 -25.83 -10.22
C PRO A 49 -12.30 -25.57 -11.65
N HIS A 50 -11.10 -24.99 -11.76
CA HIS A 50 -10.40 -24.76 -13.02
C HIS A 50 -11.28 -24.00 -14.03
N VAL A 51 -11.66 -22.78 -13.64
CA VAL A 51 -12.42 -21.89 -14.49
C VAL A 51 -11.54 -20.68 -14.78
N SER A 52 -11.22 -20.47 -16.07
CA SER A 52 -10.42 -19.29 -16.37
C SER A 52 -11.33 -18.08 -16.43
N GLN A 53 -10.69 -16.92 -16.33
CA GLN A 53 -11.39 -15.65 -16.23
C GLN A 53 -12.52 -15.55 -17.26
N THR A 54 -13.75 -15.41 -16.76
CA THR A 54 -14.93 -15.43 -17.63
C THR A 54 -16.01 -14.59 -16.97
N ASN A 55 -17.01 -14.20 -17.75
CA ASN A 55 -18.08 -13.34 -17.24
C ASN A 55 -19.37 -14.14 -17.08
N ARG A 56 -20.00 -14.03 -15.92
CA ARG A 56 -21.19 -14.79 -15.61
C ARG A 56 -22.27 -13.89 -15.03
N GLN A 57 -23.52 -14.24 -15.32
CA GLN A 57 -24.70 -13.50 -14.88
C GLN A 57 -25.25 -14.18 -13.63
N TYR A 58 -25.59 -13.39 -12.61
CA TYR A 58 -26.20 -13.90 -11.39
C TYR A 58 -27.33 -12.98 -10.96
N VAL A 59 -28.42 -13.57 -10.49
CA VAL A 59 -29.55 -12.81 -9.96
C VAL A 59 -29.39 -12.72 -8.44
N LEU A 60 -29.23 -11.49 -7.95
CA LEU A 60 -29.04 -11.23 -6.52
C LEU A 60 -30.14 -10.28 -6.06
N PHE A 61 -31.03 -10.79 -5.22
CA PHE A 61 -32.16 -10.01 -4.68
C PHE A 61 -32.98 -9.40 -5.82
N GLY A 62 -33.14 -10.17 -6.89
CA GLY A 62 -33.88 -9.72 -8.04
C GLY A 62 -33.16 -8.75 -8.95
N GLU A 63 -31.84 -8.65 -8.84
CA GLU A 63 -31.04 -7.74 -9.64
C GLU A 63 -30.03 -8.53 -10.47
N ASN A 64 -29.96 -8.22 -11.75
CA ASN A 64 -28.97 -8.85 -12.62
C ASN A 64 -27.59 -8.26 -12.34
N LYS A 65 -26.64 -9.11 -12.00
CA LYS A 65 -25.25 -8.73 -11.76
C LYS A 65 -24.36 -9.54 -12.68
N GLN A 66 -23.40 -8.89 -13.33
CA GLN A 66 -22.44 -9.58 -14.18
C GLN A 66 -21.08 -9.51 -13.50
N PHE A 67 -20.60 -10.66 -13.03
CA PHE A 67 -19.31 -10.74 -12.37
C PHE A 67 -18.29 -11.47 -13.22
N ASN A 68 -17.07 -10.94 -13.23
CA ASN A 68 -15.92 -11.65 -13.74
C ASN A 68 -15.42 -12.63 -12.68
N VAL A 69 -15.26 -13.89 -13.06
CA VAL A 69 -14.95 -14.95 -12.12
C VAL A 69 -13.71 -15.71 -12.56
N GLU A 70 -12.88 -16.06 -11.57
CA GLU A 70 -11.64 -16.80 -11.71
C GLU A 70 -11.61 -17.92 -10.68
N ASN A 71 -11.28 -19.14 -11.11
CA ASN A 71 -11.00 -20.24 -10.18
C ASN A 71 -9.88 -21.09 -10.75
N SER A 72 -8.66 -20.90 -10.24
CA SER A 72 -7.51 -21.69 -10.68
C SER A 72 -7.26 -22.89 -9.79
N SER A 73 -7.91 -22.95 -8.62
CA SER A 73 -7.70 -24.04 -7.68
C SER A 73 -8.37 -25.33 -8.15
N ASP A 74 -7.89 -26.45 -7.59
CA ASP A 74 -8.56 -27.73 -7.81
C ASP A 74 -9.88 -27.81 -7.07
N LYS A 75 -10.12 -26.93 -6.11
CA LYS A 75 -11.34 -26.91 -5.31
C LYS A 75 -12.35 -25.91 -5.87
N TRP A 76 -13.57 -26.00 -5.34
CA TRP A 76 -14.61 -25.01 -5.64
C TRP A 76 -14.35 -23.72 -4.86
N LYS A 77 -14.86 -22.62 -5.38
CA LYS A 77 -14.77 -21.33 -4.72
C LYS A 77 -16.16 -20.79 -4.44
N PHE A 78 -16.39 -20.36 -3.20
CA PHE A 78 -17.66 -19.78 -2.80
C PHE A 78 -17.38 -18.35 -2.35
N PHE A 79 -17.84 -17.40 -3.15
CA PHE A 79 -17.59 -15.98 -2.91
C PHE A 79 -18.81 -15.34 -2.27
N GLU A 80 -18.58 -14.63 -1.16
CA GLU A 80 -19.63 -13.88 -0.49
C GLU A 80 -19.66 -12.46 -1.03
N MET A 81 -20.79 -12.05 -1.57
CA MET A 81 -21.07 -10.68 -1.96
C MET A 81 -21.89 -10.04 -0.86
N PHE A 82 -21.46 -8.88 -0.38
CA PHE A 82 -22.11 -8.23 0.74
C PHE A 82 -22.36 -6.77 0.42
N LYS A 83 -23.46 -6.26 0.99
CA LYS A 83 -23.63 -4.82 1.14
C LYS A 83 -24.40 -4.57 2.43
N GLY A 84 -24.21 -3.36 2.97
CA GLY A 84 -24.74 -3.03 4.27
C GLY A 84 -25.83 -1.98 4.28
N SER A 85 -26.20 -1.48 3.11
CA SER A 85 -27.28 -0.50 3.04
C SER A 85 -27.95 -0.57 1.67
N SER A 86 -29.16 -0.01 1.61
CA SER A 86 -29.97 -0.08 0.39
C SER A 86 -29.26 0.54 -0.81
N GLN A 87 -28.64 1.70 -0.62
CA GLN A 87 -27.95 2.40 -1.69
C GLN A 87 -26.56 1.86 -1.94
N SER A 88 -26.08 0.94 -1.12
CA SER A 88 -24.73 0.42 -1.25
C SER A 88 -24.60 -0.48 -2.48
N ASP A 89 -23.35 -0.68 -2.89
CA ASP A 89 -23.01 -1.66 -3.90
C ASP A 89 -22.51 -2.94 -3.24
N PHE A 90 -22.68 -4.06 -3.93
CA PHE A 90 -22.13 -5.32 -3.44
C PHE A 90 -20.62 -5.34 -3.61
N SER A 91 -19.94 -5.96 -2.66
CA SER A 91 -18.51 -6.17 -2.75
C SER A 91 -18.17 -7.57 -2.25
N ASN A 92 -17.07 -8.12 -2.76
CA ASN A 92 -16.58 -9.40 -2.25
C ASN A 92 -16.10 -9.23 -0.83
N ARG A 93 -16.67 -10.00 0.09
CA ARG A 93 -16.29 -9.93 1.50
C ARG A 93 -15.50 -11.13 1.97
N ARG A 94 -15.88 -12.35 1.55
CA ARG A 94 -15.24 -13.56 2.04
C ARG A 94 -15.14 -14.56 0.89
N THR A 95 -14.20 -15.49 1.04
CA THR A 95 -14.00 -16.56 0.07
C THR A 95 -13.79 -17.88 0.79
N LEU A 96 -14.52 -18.90 0.38
CA LEU A 96 -14.34 -20.26 0.88
C LEU A 96 -13.87 -21.15 -0.26
N THR A 97 -12.64 -21.65 -0.15
CA THR A 97 -12.08 -22.57 -1.12
C THR A 97 -12.23 -23.98 -0.54
N SER A 98 -13.10 -24.77 -1.16
CA SER A 98 -13.56 -26.03 -0.56
C SER A 98 -13.78 -27.06 -1.65
N ASN A 99 -13.31 -28.27 -1.42
CA ASN A 99 -13.63 -29.40 -2.29
C ASN A 99 -14.81 -30.22 -1.79
N ASN A 100 -15.41 -29.83 -0.67
CA ASN A 100 -16.60 -30.50 -0.14
C ASN A 100 -17.89 -29.82 -0.57
N ARG A 101 -17.80 -28.62 -1.16
CA ARG A 101 -18.95 -27.91 -1.72
C ARG A 101 -20.02 -27.61 -0.67
N LEU A 102 -19.60 -27.38 0.57
CA LEU A 102 -20.49 -27.08 1.68
C LEU A 102 -20.20 -25.69 2.22
N VAL A 103 -21.25 -24.89 2.38
CA VAL A 103 -21.15 -23.62 3.09
C VAL A 103 -22.03 -23.70 4.34
N GLY A 104 -21.87 -22.72 5.22
CA GLY A 104 -22.59 -22.71 6.47
C GLY A 104 -22.94 -21.32 6.91
N MET A 105 -24.10 -21.19 7.56
CA MET A 105 -24.51 -19.89 8.08
C MET A 105 -25.23 -20.05 9.42
N LEU A 106 -24.89 -19.18 10.37
CA LEU A 106 -25.43 -19.21 11.72
C LEU A 106 -25.81 -17.82 12.18
N LYS A 107 -26.97 -17.69 12.83
CA LYS A 107 -27.36 -16.44 13.47
C LYS A 107 -27.23 -16.63 14.98
N TYR A 108 -26.33 -15.86 15.59
CA TYR A 108 -26.09 -16.02 17.02
C TYR A 108 -25.37 -14.79 17.56
N GLY A 109 -25.66 -14.47 18.82
CA GLY A 109 -24.99 -13.38 19.49
C GLY A 109 -25.13 -12.03 18.81
N GLY A 110 -26.24 -11.81 18.11
CA GLY A 110 -26.41 -10.58 17.37
C GLY A 110 -25.56 -10.47 16.13
N ARG A 111 -24.97 -11.56 15.66
CA ARG A 111 -24.11 -11.54 14.49
C ARG A 111 -24.45 -12.73 13.60
N VAL A 112 -23.98 -12.65 12.35
CA VAL A 112 -24.12 -13.72 11.37
C VAL A 112 -22.74 -14.32 11.13
N TRP A 113 -22.64 -15.64 11.31
CA TRP A 113 -21.38 -16.36 11.23
C TRP A 113 -21.38 -17.24 9.99
N THR A 114 -20.30 -17.20 9.24
CA THR A 114 -20.11 -18.06 8.07
C THR A 114 -18.72 -18.68 8.15
N PHE A 115 -18.42 -19.55 7.19
CA PHE A 115 -17.10 -20.16 7.08
C PHE A 115 -16.37 -19.57 5.89
N HIS A 116 -15.06 -19.38 6.05
CA HIS A 116 -14.22 -18.87 4.98
C HIS A 116 -12.80 -19.36 5.19
N GLY A 117 -11.97 -19.15 4.18
CA GLY A 117 -10.66 -19.78 4.12
C GLY A 117 -10.65 -20.98 3.19
N GLU A 118 -9.60 -21.78 3.33
CA GLU A 118 -9.42 -22.96 2.50
C GLU A 118 -9.47 -24.22 3.36
N THR A 119 -10.34 -25.15 2.99
CA THR A 119 -10.43 -26.43 3.68
C THR A 119 -9.10 -27.18 3.56
N PRO A 120 -8.77 -28.01 4.56
CA PRO A 120 -9.56 -28.34 5.74
C PRO A 120 -9.29 -27.39 6.90
N ARG A 121 -8.97 -26.14 6.60
CA ARG A 121 -8.62 -25.18 7.62
C ARG A 121 -9.55 -23.98 7.66
N ALA A 122 -10.74 -24.10 7.07
CA ALA A 122 -11.71 -23.01 7.09
C ALA A 122 -12.11 -22.67 8.52
N THR A 123 -12.46 -21.40 8.73
CA THR A 123 -12.82 -20.89 10.05
C THR A 123 -14.05 -20.01 9.95
N THR A 124 -14.69 -19.79 11.09
CA THR A 124 -15.88 -18.96 11.13
C THR A 124 -15.50 -17.48 11.25
N ASP A 125 -16.33 -16.64 10.64
CA ASP A 125 -16.17 -15.20 10.69
C ASP A 125 -17.55 -14.56 10.82
N SER A 126 -17.60 -13.42 11.50
CA SER A 126 -18.84 -12.80 11.91
C SER A 126 -19.11 -11.51 11.14
N SER A 127 -20.40 -11.18 11.04
CA SER A 127 -20.89 -9.95 10.45
C SER A 127 -21.85 -9.34 11.46
N ASN A 128 -21.57 -8.11 11.90
CA ASN A 128 -22.43 -7.43 12.85
C ASN A 128 -23.74 -7.01 12.19
N THR A 129 -24.81 -7.02 12.97
CA THR A 129 -26.10 -6.52 12.51
C THR A 129 -26.88 -6.01 13.72
N ALA A 130 -27.70 -4.99 13.48
CA ALA A 130 -28.57 -4.45 14.51
C ALA A 130 -29.97 -5.05 14.47
N ASP A 131 -30.28 -5.89 13.46
CA ASP A 131 -31.57 -6.54 13.32
C ASP A 131 -31.37 -7.99 12.87
N LEU A 132 -30.93 -8.84 13.80
CA LEU A 132 -30.77 -10.25 13.49
C LEU A 132 -32.11 -10.92 13.26
N ASN A 133 -33.13 -10.55 14.04
CA ASN A 133 -34.41 -11.26 14.01
C ASN A 133 -35.12 -11.17 12.67
N ASN A 134 -34.88 -10.11 11.90
CA ASN A 134 -35.57 -9.97 10.62
C ASN A 134 -34.76 -10.53 9.44
N ILE A 135 -33.64 -11.21 9.71
CA ILE A 135 -32.82 -11.77 8.65
C ILE A 135 -33.46 -13.06 8.16
N SER A 136 -33.74 -13.13 6.86
CA SER A 136 -34.25 -14.34 6.24
C SER A 136 -33.30 -14.78 5.14
N ILE A 137 -33.59 -15.95 4.56
CA ILE A 137 -32.70 -16.54 3.57
C ILE A 137 -33.51 -17.36 2.57
N ILE A 138 -33.16 -17.22 1.30
CA ILE A 138 -33.56 -18.14 0.23
C ILE A 138 -32.37 -19.05 -0.02
N ILE A 139 -32.54 -20.33 0.28
CA ILE A 139 -31.54 -21.36 0.02
C ILE A 139 -31.91 -22.05 -1.28
N HIS A 140 -30.98 -22.01 -2.24
CA HIS A 140 -31.14 -22.60 -3.56
C HIS A 140 -30.75 -24.06 -3.61
N SER A 141 -30.12 -24.58 -2.56
CA SER A 141 -29.62 -25.95 -2.54
C SER A 141 -30.19 -26.66 -1.33
N GLU A 142 -30.14 -27.99 -1.36
CA GLU A 142 -30.56 -28.76 -0.21
C GLU A 142 -29.62 -28.49 0.97
N PHE A 143 -30.16 -28.56 2.18
CA PHE A 143 -29.41 -28.11 3.34
C PHE A 143 -29.77 -28.96 4.55
N TYR A 144 -28.91 -28.86 5.57
CA TYR A 144 -29.05 -29.54 6.84
C TYR A 144 -29.02 -28.52 7.97
N ILE A 145 -29.46 -28.96 9.14
CA ILE A 145 -29.52 -28.13 10.34
C ILE A 145 -28.69 -28.79 11.43
N ILE A 146 -27.74 -28.05 11.99
CA ILE A 146 -26.95 -28.55 13.12
C ILE A 146 -27.01 -27.52 14.24
N PRO A 147 -27.31 -27.90 15.48
CA PRO A 147 -27.30 -26.92 16.57
C PRO A 147 -25.91 -26.34 16.79
N ARG A 148 -25.88 -25.09 17.26
CA ARG A 148 -24.61 -24.42 17.52
C ARG A 148 -23.76 -25.18 18.51
N SER A 149 -24.39 -25.87 19.48
CA SER A 149 -23.64 -26.66 20.43
C SER A 149 -22.87 -27.79 19.77
N GLN A 150 -23.24 -28.16 18.55
CA GLN A 150 -22.50 -29.17 17.78
C GLN A 150 -21.71 -28.53 16.64
N GLU A 151 -21.30 -27.28 16.83
CA GLU A 151 -20.56 -26.57 15.78
C GLU A 151 -19.30 -27.31 15.37
N SER A 152 -18.67 -28.01 16.31
CA SER A 152 -17.47 -28.77 16.00
C SER A 152 -17.73 -29.71 14.84
N LYS A 153 -18.83 -30.46 14.93
CA LYS A 153 -19.14 -31.40 13.87
C LYS A 153 -19.39 -30.66 12.57
N CYS A 154 -20.14 -29.55 12.63
CA CYS A 154 -20.35 -28.74 11.44
C CYS A 154 -19.01 -28.36 10.83
N ASN A 155 -18.11 -27.82 11.65
CA ASN A 155 -16.77 -27.48 11.19
C ASN A 155 -16.15 -28.63 10.42
N GLU A 156 -16.10 -29.81 11.05
CA GLU A 156 -15.49 -30.97 10.42
C GLU A 156 -16.10 -31.22 9.05
N TYR A 157 -17.44 -31.24 8.97
CA TYR A 157 -18.09 -31.46 7.69
C TYR A 157 -17.62 -30.46 6.66
N ILE A 158 -17.71 -29.17 6.98
CA ILE A 158 -17.32 -28.15 6.01
C ILE A 158 -15.87 -28.34 5.61
N ASN A 159 -15.03 -28.75 6.54
CA ASN A 159 -13.62 -28.88 6.23
C ASN A 159 -13.30 -30.22 5.58
N ASN A 160 -14.07 -31.27 5.89
CA ASN A 160 -13.73 -32.60 5.37
C ASN A 160 -14.85 -33.31 4.64
N GLY A 161 -16.08 -32.80 4.66
CA GLY A 161 -17.16 -33.47 4.00
C GLY A 161 -17.64 -34.67 4.79
N LEU A 162 -18.46 -35.48 4.14
CA LEU A 162 -18.95 -36.72 4.72
C LEU A 162 -17.93 -37.85 4.52
N SER B 2 -33.49 13.07 6.63
CA SER B 2 -33.88 13.23 5.22
C SER B 2 -32.84 14.06 4.47
N GLN B 3 -31.61 13.54 4.41
CA GLN B 3 -30.50 14.35 3.91
C GLN B 3 -30.58 14.61 2.41
N PRO B 4 -30.82 13.63 1.53
CA PRO B 4 -30.91 13.93 0.10
C PRO B 4 -32.23 14.59 -0.28
N VAL B 5 -32.17 15.43 -1.31
CA VAL B 5 -33.33 16.13 -1.84
C VAL B 5 -33.50 15.76 -3.31
N LEU B 6 -34.74 15.44 -3.70
CA LEU B 6 -35.06 15.03 -5.06
C LEU B 6 -35.84 16.15 -5.74
N THR B 7 -35.36 16.59 -6.90
CA THR B 7 -35.94 17.72 -7.62
C THR B 7 -36.58 17.21 -8.90
N GLN B 8 -37.90 17.33 -9.00
CA GLN B 8 -38.64 17.07 -10.22
C GLN B 8 -39.38 18.31 -10.69
N PRO B 9 -39.33 18.63 -11.98
CA PRO B 9 -40.18 19.69 -12.52
C PRO B 9 -41.64 19.39 -12.25
N PRO B 10 -42.45 20.40 -11.93
CA PRO B 10 -43.87 20.11 -11.65
C PRO B 10 -44.62 19.56 -12.83
N SER B 11 -44.34 20.05 -14.04
CA SER B 11 -45.09 19.65 -15.22
C SER B 11 -44.16 19.38 -16.38
N ALA B 12 -44.61 18.52 -17.29
CA ALA B 12 -43.93 18.23 -18.55
C ALA B 12 -44.99 17.97 -19.60
N SER B 13 -44.66 18.28 -20.84
CA SER B 13 -45.59 18.09 -21.96
C SER B 13 -44.92 17.29 -23.07
N ALA B 14 -45.75 16.61 -23.86
CA ALA B 14 -45.25 15.82 -24.98
C ALA B 14 -46.40 15.55 -25.95
N SER B 15 -46.05 15.35 -27.21
CA SER B 15 -47.00 15.02 -28.27
C SER B 15 -47.03 13.52 -28.51
N LEU B 16 -48.16 13.04 -29.02
CA LEU B 16 -48.33 11.62 -29.30
C LEU B 16 -47.24 11.12 -30.24
N GLY B 17 -46.72 9.93 -29.95
CA GLY B 17 -45.68 9.32 -30.76
C GLY B 17 -44.30 9.92 -30.62
N ALA B 18 -44.17 11.05 -29.93
CA ALA B 18 -42.87 11.66 -29.72
C ALA B 18 -42.13 10.93 -28.59
N SER B 19 -40.98 11.47 -28.22
CA SER B 19 -40.25 11.01 -27.05
C SER B 19 -40.21 12.13 -26.01
N VAL B 20 -40.15 11.73 -24.74
CA VAL B 20 -40.01 12.68 -23.64
C VAL B 20 -39.14 12.05 -22.57
N THR B 21 -38.33 12.87 -21.91
CA THR B 21 -37.49 12.42 -20.80
C THR B 21 -37.91 13.17 -19.54
N LEU B 22 -38.49 12.45 -18.59
CA LEU B 22 -38.69 12.99 -17.26
C LEU B 22 -37.40 12.82 -16.47
N THR B 23 -37.10 13.79 -15.61
CA THR B 23 -35.85 13.80 -14.88
C THR B 23 -36.10 14.02 -13.40
N CYS B 24 -35.19 13.46 -12.60
CA CYS B 24 -35.15 13.62 -11.15
C CYS B 24 -33.70 13.86 -10.78
N THR B 25 -33.43 15.00 -10.15
CA THR B 25 -32.08 15.44 -9.88
C THR B 25 -31.80 15.34 -8.39
N LEU B 26 -30.73 14.62 -8.05
CA LEU B 26 -30.33 14.47 -6.65
C LEU B 26 -29.53 15.69 -6.20
N SER B 27 -29.67 16.00 -4.92
CA SER B 27 -28.82 16.99 -4.28
C SER B 27 -27.38 16.49 -4.21
N SER B 28 -26.48 17.45 -4.00
CA SER B 28 -25.05 17.17 -4.07
C SER B 28 -24.64 16.16 -3.01
N GLY B 29 -23.69 15.30 -3.37
CA GLY B 29 -23.24 14.26 -2.47
C GLY B 29 -23.95 12.92 -2.57
N TYR B 30 -24.81 12.73 -3.56
CA TYR B 30 -25.56 11.48 -3.69
C TYR B 30 -25.49 10.92 -5.10
N SER B 31 -24.36 11.13 -5.78
CA SER B 31 -24.23 10.73 -7.18
C SER B 31 -24.39 9.23 -7.35
N ASN B 32 -24.10 8.44 -6.33
CA ASN B 32 -24.21 6.99 -6.38
C ASN B 32 -25.60 6.46 -6.07
N TYR B 33 -26.55 7.32 -5.69
CA TYR B 33 -27.84 6.83 -5.20
C TYR B 33 -28.71 6.33 -6.35
N LYS B 34 -29.48 5.28 -6.07
CA LYS B 34 -30.51 4.79 -6.97
C LYS B 34 -31.83 5.45 -6.64
N VAL B 35 -32.68 5.61 -7.66
CA VAL B 35 -34.02 6.12 -7.43
C VAL B 35 -35.04 5.21 -8.11
N ASP B 36 -36.20 5.10 -7.47
CA ASP B 36 -37.36 4.43 -8.06
C ASP B 36 -38.25 5.46 -8.73
N TRP B 37 -38.78 5.10 -9.90
CA TRP B 37 -39.79 5.85 -10.61
C TRP B 37 -41.16 5.22 -10.39
N TYR B 38 -42.16 6.05 -10.21
CA TYR B 38 -43.53 5.60 -9.99
C TYR B 38 -44.47 6.31 -10.95
N GLN B 39 -45.48 5.59 -11.43
CA GLN B 39 -46.47 6.14 -12.33
C GLN B 39 -47.83 6.10 -11.66
N GLN B 40 -48.47 7.26 -11.56
CA GLN B 40 -49.78 7.43 -10.96
C GLN B 40 -50.70 7.86 -12.09
N ARG B 41 -51.48 6.89 -12.58
CA ARG B 41 -52.38 7.13 -13.69
C ARG B 41 -53.63 7.85 -13.20
N PRO B 42 -54.37 8.50 -14.09
CA PRO B 42 -55.60 9.19 -13.68
C PRO B 42 -56.56 8.26 -12.95
N GLY B 43 -57.09 8.73 -11.82
CA GLY B 43 -57.98 7.91 -11.04
C GLY B 43 -57.33 6.73 -10.37
N LYS B 44 -56.01 6.73 -10.21
CA LYS B 44 -55.29 5.62 -9.61
C LYS B 44 -54.22 6.15 -8.67
N GLY B 45 -53.71 5.26 -7.82
CA GLY B 45 -52.54 5.55 -7.03
C GLY B 45 -51.28 5.15 -7.76
N PRO B 46 -50.13 5.40 -7.15
CA PRO B 46 -48.86 5.10 -7.83
C PRO B 46 -48.63 3.60 -7.97
N ARG B 47 -47.89 3.25 -9.03
CA ARG B 47 -47.38 1.90 -9.23
C ARG B 47 -45.90 1.99 -9.59
N PHE B 48 -45.17 0.92 -9.30
CA PHE B 48 -43.74 0.91 -9.58
C PHE B 48 -43.46 0.85 -11.07
N VAL B 49 -42.46 1.62 -11.51
CA VAL B 49 -42.03 1.64 -12.90
C VAL B 49 -40.67 0.95 -13.01
N MET B 50 -39.61 1.66 -12.62
CA MET B 50 -38.25 1.13 -12.75
C MET B 50 -37.35 1.79 -11.72
N ARG B 51 -36.26 1.10 -11.40
CA ARG B 51 -35.21 1.62 -10.53
C ARG B 51 -34.01 1.90 -11.39
N VAL B 52 -33.35 3.03 -11.17
CA VAL B 52 -32.20 3.40 -12.00
C VAL B 52 -31.11 4.00 -11.12
N GLY B 53 -29.88 3.55 -11.34
CA GLY B 53 -28.73 4.31 -10.88
C GLY B 53 -27.93 4.96 -11.98
N THR B 54 -26.62 5.11 -11.80
CA THR B 54 -25.81 5.64 -12.90
C THR B 54 -25.45 4.55 -13.91
N GLY B 55 -25.82 3.31 -13.65
CA GLY B 55 -25.52 2.22 -14.56
C GLY B 55 -26.78 1.60 -15.13
N GLY B 56 -27.82 2.41 -15.30
CA GLY B 56 -29.03 1.90 -15.91
C GLY B 56 -29.98 1.27 -14.90
N ILE B 57 -30.92 0.51 -15.46
CA ILE B 57 -32.01 -0.08 -14.71
C ILE B 57 -31.45 -1.11 -13.73
N VAL B 58 -32.07 -1.17 -12.55
CA VAL B 58 -31.73 -2.13 -11.50
C VAL B 58 -32.97 -2.95 -11.20
N GLY B 59 -32.85 -4.28 -11.35
CA GLY B 59 -33.99 -5.14 -11.14
C GLY B 59 -34.97 -5.12 -12.31
N SER B 60 -36.12 -5.74 -12.06
CA SER B 60 -37.15 -5.85 -13.08
C SER B 60 -38.02 -4.60 -13.10
N LYS B 61 -38.54 -4.28 -14.28
CA LYS B 61 -39.52 -3.21 -14.38
C LYS B 61 -40.86 -3.69 -13.82
N GLY B 62 -41.75 -2.73 -13.55
CA GLY B 62 -43.02 -3.05 -12.95
C GLY B 62 -43.95 -3.78 -13.90
N ASP B 63 -45.02 -4.30 -13.31
CA ASP B 63 -46.06 -4.93 -14.12
C ASP B 63 -46.81 -3.88 -14.94
N GLY B 64 -47.04 -4.19 -16.21
CA GLY B 64 -47.77 -3.30 -17.08
C GLY B 64 -46.96 -2.19 -17.71
N ILE B 65 -45.65 -2.12 -17.43
CA ILE B 65 -44.79 -1.09 -18.01
C ILE B 65 -44.38 -1.53 -19.41
N ALA B 66 -44.73 -0.74 -20.42
CA ALA B 66 -44.45 -1.04 -21.81
C ALA B 66 -42.95 -0.91 -22.12
N ASP B 67 -42.52 -1.61 -23.18
CA ASP B 67 -41.12 -1.56 -23.59
C ASP B 67 -40.71 -0.21 -24.15
N ARG B 68 -41.66 0.71 -24.34
CA ARG B 68 -41.35 2.10 -24.66
C ARG B 68 -40.72 2.85 -23.50
N PHE B 69 -40.73 2.28 -22.29
CA PHE B 69 -40.19 2.92 -21.10
C PHE B 69 -38.75 2.44 -20.88
N SER B 70 -37.80 3.36 -21.00
CA SER B 70 -36.42 3.10 -20.65
C SER B 70 -36.01 4.08 -19.56
N VAL B 71 -34.77 3.96 -19.10
CA VAL B 71 -34.37 4.60 -17.85
C VAL B 71 -32.85 4.67 -17.82
N SER B 72 -32.33 5.79 -17.32
CA SER B 72 -30.90 6.06 -17.40
C SER B 72 -30.50 6.99 -16.26
N GLY B 73 -29.19 7.15 -16.09
CA GLY B 73 -28.69 8.01 -15.04
C GLY B 73 -27.25 8.41 -15.25
N SER B 74 -26.92 9.65 -14.90
CA SER B 74 -25.55 10.12 -15.01
C SER B 74 -25.36 11.34 -14.12
N GLY B 75 -24.25 11.36 -13.39
CA GLY B 75 -24.04 12.43 -12.44
C GLY B 75 -25.09 12.37 -11.36
N LEU B 76 -25.80 13.47 -11.17
CA LEU B 76 -26.94 13.55 -10.27
C LEU B 76 -28.27 13.37 -11.00
N ASN B 77 -28.25 13.27 -12.32
CA ASN B 77 -29.47 13.12 -13.10
C ASN B 77 -29.92 11.67 -13.13
N ARG B 78 -31.23 11.46 -12.95
CA ARG B 78 -31.87 10.17 -13.16
C ARG B 78 -33.06 10.41 -14.08
N SER B 79 -33.20 9.60 -15.12
CA SER B 79 -34.11 9.92 -16.20
C SER B 79 -34.99 8.73 -16.53
N LEU B 80 -36.26 9.00 -16.77
CA LEU B 80 -37.23 8.05 -17.29
C LEU B 80 -37.63 8.53 -18.68
N THR B 81 -37.29 7.75 -19.70
CA THR B 81 -37.55 8.12 -21.09
C THR B 81 -38.71 7.30 -21.66
N ILE B 82 -39.66 7.99 -22.27
CA ILE B 82 -40.82 7.37 -22.90
C ILE B 82 -40.80 7.74 -24.38
N LYS B 83 -40.69 6.73 -25.24
CA LYS B 83 -40.74 6.93 -26.67
C LYS B 83 -42.07 6.43 -27.22
N ASN B 84 -42.45 6.97 -28.37
CA ASN B 84 -43.74 6.66 -29.03
C ASN B 84 -44.89 6.84 -28.05
N ILE B 85 -44.97 8.04 -27.48
CA ILE B 85 -45.86 8.29 -26.36
C ILE B 85 -47.30 8.00 -26.74
N GLN B 86 -47.97 7.20 -25.93
CA GLN B 86 -49.40 6.98 -26.01
C GLN B 86 -50.12 7.89 -25.03
N GLU B 87 -51.42 8.03 -25.22
CA GLU B 87 -52.22 8.85 -24.32
C GLU B 87 -52.37 8.21 -22.94
N GLU B 88 -52.32 6.88 -22.86
CA GLU B 88 -52.32 6.24 -21.54
C GLU B 88 -51.05 6.55 -20.76
N ASP B 89 -50.05 7.16 -21.39
CA ASP B 89 -48.84 7.59 -20.68
C ASP B 89 -49.04 8.91 -19.95
N GLU B 90 -50.12 9.64 -20.24
CA GLU B 90 -50.43 10.85 -19.48
C GLU B 90 -50.70 10.47 -18.03
N SER B 91 -49.88 10.99 -17.12
CA SER B 91 -49.90 10.52 -15.74
C SER B 91 -48.99 11.40 -14.91
N ASP B 92 -49.03 11.19 -13.59
CA ASP B 92 -48.08 11.81 -12.69
C ASP B 92 -46.95 10.83 -12.40
N TYR B 93 -45.72 11.33 -12.38
CA TYR B 93 -44.54 10.49 -12.23
C TYR B 93 -43.73 10.96 -11.03
N HIS B 94 -43.42 10.03 -10.14
CA HIS B 94 -42.82 10.34 -8.85
C HIS B 94 -41.45 9.69 -8.70
N CYS B 95 -40.58 10.39 -7.99
CA CYS B 95 -39.21 9.97 -7.74
C CYS B 95 -39.03 9.63 -6.27
N GLY B 96 -38.39 8.50 -5.99
CA GLY B 96 -38.18 8.09 -4.61
C GLY B 96 -36.80 7.52 -4.42
N ALA B 97 -36.30 7.61 -3.18
CA ALA B 97 -34.95 7.13 -2.89
C ALA B 97 -34.81 6.78 -1.42
N ASP B 98 -34.09 5.68 -1.17
CA ASP B 98 -33.73 5.28 0.19
C ASP B 98 -32.52 6.08 0.67
N HIS B 99 -32.45 6.29 1.98
CA HIS B 99 -31.29 6.94 2.57
C HIS B 99 -31.02 6.34 3.94
N GLY B 100 -29.81 5.83 4.14
CA GLY B 100 -29.44 5.27 5.42
C GLY B 100 -29.79 3.81 5.58
N SER B 101 -29.43 3.29 6.74
CA SER B 101 -29.61 1.90 7.09
C SER B 101 -29.95 1.80 8.57
N GLY B 102 -30.54 0.69 8.95
CA GLY B 102 -30.87 0.50 10.35
C GLY B 102 -31.78 1.56 10.95
N ASP B 103 -31.32 2.15 12.06
CA ASP B 103 -32.14 3.09 12.82
C ASP B 103 -32.36 4.46 12.17
N ASN B 104 -31.48 4.92 11.28
CA ASN B 104 -31.63 6.26 10.72
C ASN B 104 -32.20 6.26 9.31
N PHE B 105 -32.81 5.16 8.88
CA PHE B 105 -33.36 5.05 7.54
C PHE B 105 -34.49 6.05 7.31
N VAL B 106 -34.46 6.68 6.14
CA VAL B 106 -35.55 7.55 5.69
C VAL B 106 -35.74 7.30 4.20
N ARG B 107 -36.96 7.54 3.71
CA ARG B 107 -37.25 7.50 2.29
C ARG B 107 -37.70 8.89 1.85
N VAL B 108 -37.04 9.43 0.82
CA VAL B 108 -37.35 10.76 0.32
C VAL B 108 -38.01 10.65 -1.05
N PHE B 109 -38.87 11.62 -1.36
CA PHE B 109 -39.60 11.65 -2.61
C PHE B 109 -39.40 12.99 -3.29
N GLY B 110 -39.52 12.98 -4.63
CA GLY B 110 -39.57 14.21 -5.39
C GLY B 110 -40.94 14.84 -5.35
N GLY B 111 -41.03 16.03 -5.93
CA GLY B 111 -42.29 16.75 -5.93
C GLY B 111 -43.34 16.15 -6.84
N GLY B 112 -42.92 15.31 -7.79
CA GLY B 112 -43.84 14.77 -8.77
C GLY B 112 -43.86 15.60 -10.04
N THR B 113 -43.99 14.96 -11.19
CA THR B 113 -44.09 15.63 -12.47
C THR B 113 -45.36 15.19 -13.16
N LYS B 114 -46.22 16.14 -13.52
CA LYS B 114 -47.45 15.84 -14.24
C LYS B 114 -47.17 15.85 -15.73
N LEU B 115 -47.13 14.67 -16.34
CA LEU B 115 -46.94 14.56 -17.79
C LEU B 115 -48.30 14.61 -18.47
N THR B 116 -48.50 15.65 -19.26
CA THR B 116 -49.66 15.82 -20.12
C THR B 116 -49.27 15.45 -21.55
N VAL B 117 -50.16 14.73 -22.23
CA VAL B 117 -49.93 14.28 -23.61
C VAL B 117 -50.86 15.06 -24.53
N LEU B 118 -50.27 15.74 -25.50
CA LEU B 118 -51.04 16.51 -26.47
C LEU B 118 -51.37 15.67 -27.70
N GLN B 134 -51.42 -12.33 -7.32
CA GLN B 134 -50.18 -12.01 -6.62
C GLN B 134 -50.48 -11.48 -5.22
N VAL B 135 -49.82 -10.38 -4.86
CA VAL B 135 -49.99 -9.75 -3.56
C VAL B 135 -50.88 -8.52 -3.74
N GLN B 136 -51.99 -8.49 -3.01
CA GLN B 136 -52.93 -7.39 -3.06
C GLN B 136 -53.02 -6.72 -1.69
N LEU B 137 -53.09 -5.39 -1.69
CA LEU B 137 -53.21 -4.60 -0.48
C LEU B 137 -54.47 -3.75 -0.56
N GLN B 138 -55.22 -3.71 0.53
CA GLN B 138 -56.47 -2.94 0.58
C GLN B 138 -56.53 -2.17 1.88
N GLU B 139 -56.51 -0.84 1.78
CA GLU B 139 -56.50 0.04 2.94
C GLU B 139 -57.91 0.51 3.29
N SER B 140 -58.19 0.56 4.59
CA SER B 140 -59.48 0.99 5.11
C SER B 140 -59.25 2.02 6.21
N GLY B 141 -60.19 2.96 6.33
CA GLY B 141 -60.08 4.04 7.26
C GLY B 141 -61.41 4.74 7.52
N PRO B 142 -61.36 5.82 8.30
CA PRO B 142 -62.60 6.50 8.69
C PRO B 142 -63.16 7.41 7.62
N GLY B 143 -62.36 7.83 6.63
CA GLY B 143 -62.79 8.81 5.67
C GLY B 143 -62.64 10.21 6.21
N LEU B 144 -63.40 10.56 7.25
CA LEU B 144 -63.34 11.86 7.88
C LEU B 144 -62.92 11.70 9.33
N VAL B 145 -62.02 12.57 9.78
CA VAL B 145 -61.52 12.55 11.15
C VAL B 145 -61.44 13.99 11.65
N LYS B 146 -61.87 14.20 12.89
CA LYS B 146 -61.80 15.53 13.46
C LYS B 146 -60.40 15.82 14.01
N PRO B 147 -60.00 17.10 14.05
CA PRO B 147 -58.67 17.43 14.57
C PRO B 147 -58.51 17.00 16.01
N SER B 148 -57.26 16.77 16.42
CA SER B 148 -56.87 16.35 17.76
C SER B 148 -57.25 14.90 18.04
N GLN B 149 -58.07 14.30 17.18
CA GLN B 149 -58.39 12.90 17.32
C GLN B 149 -57.24 12.03 16.81
N THR B 150 -57.39 10.72 16.95
CA THR B 150 -56.37 9.77 16.51
C THR B 150 -56.85 9.08 15.24
N LEU B 151 -56.06 9.19 14.18
CA LEU B 151 -56.38 8.52 12.92
C LEU B 151 -55.97 7.05 13.01
N SER B 152 -56.93 6.15 12.78
CA SER B 152 -56.69 4.72 12.80
C SER B 152 -56.95 4.15 11.41
N LEU B 153 -55.91 3.61 10.79
CA LEU B 153 -56.02 2.99 9.47
C LEU B 153 -55.63 1.53 9.56
N THR B 154 -56.26 0.70 8.73
CA THR B 154 -55.83 -0.68 8.59
C THR B 154 -55.62 -0.98 7.12
N CYS B 155 -54.86 -2.05 6.85
CA CYS B 155 -54.64 -2.52 5.49
C CYS B 155 -54.63 -4.03 5.54
N SER B 156 -55.53 -4.66 4.80
CA SER B 156 -55.54 -6.11 4.67
C SER B 156 -54.65 -6.53 3.50
N VAL B 157 -53.93 -7.63 3.71
CA VAL B 157 -53.03 -8.20 2.73
C VAL B 157 -53.50 -9.62 2.41
N SER B 158 -53.52 -9.97 1.13
CA SER B 158 -54.05 -11.26 0.70
C SER B 158 -53.05 -12.14 -0.03
N GLY B 159 -51.97 -11.58 -0.58
CA GLY B 159 -51.05 -12.39 -1.37
C GLY B 159 -50.13 -13.28 -0.56
N VAL B 160 -49.81 -12.90 0.68
CA VAL B 160 -48.82 -13.59 1.48
C VAL B 160 -49.27 -13.61 2.94
N SER B 161 -48.53 -14.37 3.74
CA SER B 161 -48.71 -14.37 5.19
C SER B 161 -47.74 -13.36 5.81
N LEU B 162 -48.27 -12.47 6.65
CA LEU B 162 -47.42 -11.51 7.32
C LEU B 162 -46.45 -12.16 8.32
N SER B 163 -46.61 -13.45 8.59
CA SER B 163 -45.67 -14.18 9.43
C SER B 163 -44.56 -14.85 8.62
N GLY B 164 -44.51 -14.60 7.31
CA GLY B 164 -43.47 -15.21 6.49
C GLY B 164 -42.09 -14.68 6.83
N GLY B 165 -41.96 -13.37 6.97
CA GLY B 165 -40.72 -12.76 7.43
C GLY B 165 -39.81 -12.21 6.35
N SER B 166 -40.28 -12.09 5.11
CA SER B 166 -39.45 -11.62 4.01
C SER B 166 -40.04 -10.37 3.35
N TYR B 167 -40.81 -9.59 4.10
CA TYR B 167 -41.44 -8.38 3.59
C TYR B 167 -41.24 -7.24 4.57
N THR B 168 -41.02 -6.04 4.02
CA THR B 168 -41.12 -4.80 4.77
C THR B 168 -42.35 -4.04 4.28
N TRP B 169 -43.13 -3.49 5.20
CA TRP B 169 -44.40 -2.86 4.87
C TRP B 169 -44.32 -1.37 5.17
N ASN B 170 -44.48 -0.55 4.14
CA ASN B 170 -44.35 0.89 4.23
C ASN B 170 -45.72 1.56 4.18
N TRP B 171 -45.82 2.73 4.79
CA TRP B 171 -46.97 3.60 4.65
C TRP B 171 -46.50 4.91 4.02
N ILE B 172 -47.23 5.37 3.01
CA ILE B 172 -46.85 6.55 2.23
C ILE B 172 -48.11 7.38 1.98
N ARG B 173 -48.06 8.67 2.31
CA ARG B 173 -49.23 9.50 2.14
C ARG B 173 -48.98 10.56 1.06
N GLN B 174 -50.08 10.99 0.44
CA GLN B 174 -50.07 12.06 -0.54
C GLN B 174 -50.92 13.19 0.03
N PRO B 175 -50.28 14.21 0.64
CA PRO B 175 -51.01 15.33 1.25
C PRO B 175 -51.08 16.54 0.33
N ALA B 176 -51.32 17.71 0.93
CA ALA B 176 -51.32 18.94 0.16
C ALA B 176 -49.93 19.15 -0.44
N GLY B 177 -49.89 19.58 -1.69
CA GLY B 177 -48.65 19.70 -2.42
C GLY B 177 -48.53 18.66 -3.51
N LYS B 178 -49.27 17.57 -3.40
CA LYS B 178 -49.44 16.49 -4.37
C LYS B 178 -48.24 15.57 -4.48
N GLY B 179 -47.20 15.74 -3.68
CA GLY B 179 -46.05 14.87 -3.71
C GLY B 179 -46.12 13.82 -2.60
N LEU B 180 -45.56 12.65 -2.89
CA LEU B 180 -45.59 11.55 -1.93
C LEU B 180 -44.76 11.87 -0.69
N GLU B 181 -45.22 11.36 0.45
CA GLU B 181 -44.51 11.50 1.71
C GLU B 181 -44.43 10.14 2.41
N TRP B 182 -43.23 9.61 2.55
CA TRP B 182 -43.01 8.41 3.35
C TRP B 182 -43.22 8.72 4.82
N ILE B 183 -43.99 7.88 5.51
CA ILE B 183 -44.26 8.15 6.92
C ILE B 183 -43.71 7.07 7.84
N GLY B 184 -43.53 5.86 7.33
CA GLY B 184 -42.95 4.82 8.16
C GLY B 184 -42.93 3.47 7.48
N ARG B 185 -42.27 2.53 8.13
CA ARG B 185 -42.21 1.15 7.68
C ARG B 185 -42.06 0.22 8.88
N ILE B 186 -42.61 -0.99 8.75
CA ILE B 186 -42.61 -1.98 9.81
C ILE B 186 -42.11 -3.30 9.24
N PHE B 187 -41.38 -4.05 10.07
CA PHE B 187 -40.85 -5.36 9.74
C PHE B 187 -41.65 -6.46 10.43
N THR B 188 -41.48 -7.68 9.93
CA THR B 188 -42.26 -8.82 10.43
C THR B 188 -42.18 -8.96 11.94
N SER B 189 -41.01 -8.66 12.53
CA SER B 189 -40.85 -8.71 13.98
C SER B 189 -41.58 -7.59 14.71
N GLY B 190 -42.07 -6.58 13.99
CA GLY B 190 -42.69 -5.44 14.62
C GLY B 190 -41.78 -4.24 14.80
N SER B 191 -40.50 -4.37 14.49
CA SER B 191 -39.60 -3.23 14.51
C SER B 191 -40.01 -2.23 13.43
N THR B 192 -39.78 -0.95 13.71
CA THR B 192 -40.31 0.12 12.88
C THR B 192 -39.26 1.18 12.63
N ASN B 193 -39.43 1.90 11.53
CA ASN B 193 -38.76 3.16 11.28
C ASN B 193 -39.83 4.19 10.93
N TYR B 194 -39.84 5.31 11.65
CA TYR B 194 -40.80 6.37 11.39
C TYR B 194 -40.10 7.59 10.81
N ASN B 195 -40.87 8.41 10.11
CA ASN B 195 -40.36 9.69 9.64
C ASN B 195 -40.27 10.66 10.81
N PRO B 196 -39.11 11.28 11.06
CA PRO B 196 -39.00 12.23 12.17
C PRO B 196 -39.97 13.40 12.10
N SER B 197 -40.39 13.80 10.88
CA SER B 197 -41.27 14.94 10.69
C SER B 197 -42.65 14.76 11.32
N LEU B 198 -42.97 13.54 11.77
CA LEU B 198 -44.25 13.23 12.39
C LEU B 198 -44.18 13.21 13.92
N LYS B 199 -43.07 13.67 14.49
CA LYS B 199 -42.79 13.61 15.93
C LYS B 199 -42.88 12.14 16.36
N GLY B 200 -43.57 11.81 17.45
CA GLY B 200 -43.81 10.43 17.83
C GLY B 200 -45.30 10.15 17.74
N ARG B 201 -45.99 10.92 16.90
CA ARG B 201 -47.43 10.77 16.77
C ARG B 201 -47.82 9.50 16.05
N LEU B 202 -46.87 8.87 15.36
CA LEU B 202 -47.15 7.72 14.50
C LEU B 202 -46.69 6.44 15.17
N THR B 203 -47.63 5.51 15.36
CA THR B 203 -47.33 4.16 15.80
C THR B 203 -47.84 3.19 14.72
N MET B 204 -47.03 2.19 14.41
CA MET B 204 -47.37 1.22 13.39
C MET B 204 -47.33 -0.19 13.98
N SER B 205 -48.32 -1.00 13.62
CA SER B 205 -48.45 -2.35 14.16
C SER B 205 -48.70 -3.35 13.05
N ILE B 206 -48.37 -4.61 13.35
CA ILE B 206 -48.59 -5.73 12.45
C ILE B 206 -49.35 -6.81 13.23
N ASP B 207 -50.44 -7.30 12.64
CA ASP B 207 -51.22 -8.40 13.19
C ASP B 207 -50.88 -9.65 12.38
N THR B 208 -50.06 -10.51 12.99
CA THR B 208 -49.62 -11.75 12.36
C THR B 208 -50.79 -12.66 12.02
N SER B 209 -51.75 -12.80 12.92
CA SER B 209 -52.79 -13.82 12.77
C SER B 209 -53.96 -13.35 11.92
N LYS B 210 -54.24 -12.06 11.89
CA LYS B 210 -55.26 -11.52 11.01
C LYS B 210 -54.68 -11.04 9.68
N ASN B 211 -53.37 -11.16 9.49
CA ASN B 211 -52.70 -10.74 8.26
C ASN B 211 -52.98 -9.25 7.99
N GLN B 212 -52.91 -8.44 9.02
CA GLN B 212 -53.32 -7.05 8.89
C GLN B 212 -52.20 -6.10 9.29
N LEU B 213 -52.14 -4.96 8.63
CA LEU B 213 -51.24 -3.88 9.03
C LEU B 213 -52.09 -2.74 9.59
N SER B 214 -51.62 -2.14 10.67
CA SER B 214 -52.40 -1.11 11.32
C SER B 214 -51.55 0.12 11.59
N LEU B 215 -52.20 1.28 11.62
CA LEU B 215 -51.55 2.57 11.78
C LEU B 215 -52.36 3.47 12.70
N ARG B 216 -51.70 4.11 13.66
CA ARG B 216 -52.31 5.12 14.51
C ARG B 216 -51.49 6.41 14.39
N LEU B 217 -52.18 7.53 14.23
CA LEU B 217 -51.55 8.84 14.11
C LEU B 217 -52.26 9.80 15.06
N SER B 218 -51.60 10.13 16.16
CA SER B 218 -52.23 10.96 17.19
C SER B 218 -52.30 12.42 16.75
N SER B 219 -53.24 13.14 17.37
CA SER B 219 -53.36 14.60 17.29
C SER B 219 -53.34 15.09 15.85
N VAL B 220 -54.30 14.62 15.06
CA VAL B 220 -54.30 14.94 13.64
C VAL B 220 -54.74 16.38 13.43
N THR B 221 -54.27 16.97 12.33
CA THR B 221 -54.52 18.35 11.94
C THR B 221 -54.74 18.36 10.44
N ALA B 222 -55.26 19.48 9.94
CA ALA B 222 -55.43 19.65 8.49
C ALA B 222 -54.17 19.26 7.71
N ALA B 223 -52.99 19.38 8.32
CA ALA B 223 -51.76 18.95 7.65
C ALA B 223 -51.75 17.45 7.37
N ASP B 224 -52.61 16.68 8.05
CA ASP B 224 -52.67 15.24 7.88
C ASP B 224 -53.71 14.80 6.85
N THR B 225 -54.46 15.74 6.26
CA THR B 225 -55.35 15.39 5.18
C THR B 225 -54.54 14.87 4.00
N ALA B 226 -54.85 13.66 3.56
CA ALA B 226 -54.02 13.01 2.55
C ALA B 226 -54.69 11.70 2.13
N VAL B 227 -54.21 11.14 1.03
CA VAL B 227 -54.51 9.76 0.69
C VAL B 227 -53.38 8.88 1.22
N TYR B 228 -53.73 7.85 1.97
CA TYR B 228 -52.73 6.99 2.61
C TYR B 228 -52.62 5.66 1.86
N TYR B 229 -51.40 5.24 1.59
CA TYR B 229 -51.10 4.03 0.82
C TYR B 229 -50.26 3.09 1.66
N CYS B 230 -50.54 1.79 1.53
CA CYS B 230 -49.69 0.75 2.10
C CYS B 230 -48.95 0.06 0.97
N VAL B 231 -47.64 -0.10 1.14
CA VAL B 231 -46.76 -0.58 0.07
C VAL B 231 -45.96 -1.78 0.57
N ALA B 232 -46.12 -2.91 -0.10
CA ALA B 232 -45.33 -4.10 0.20
C ALA B 232 -43.98 -4.04 -0.49
N ASP B 233 -42.94 -4.46 0.24
CA ASP B 233 -41.57 -4.46 -0.27
C ASP B 233 -40.97 -5.83 0.02
N TYR B 234 -40.94 -6.68 -1.01
CA TYR B 234 -40.41 -8.03 -0.88
C TYR B 234 -38.89 -7.99 -0.81
N TYR B 235 -38.31 -8.72 0.15
CA TYR B 235 -36.87 -8.70 0.37
C TYR B 235 -36.08 -8.91 -0.91
N TYR B 236 -36.51 -9.85 -1.75
CA TYR B 236 -35.69 -10.42 -2.80
C TYR B 236 -36.15 -9.99 -4.20
N SER B 237 -36.77 -8.81 -4.29
CA SER B 237 -37.14 -8.25 -5.58
C SER B 237 -37.14 -6.73 -5.46
N VAL B 238 -37.14 -6.07 -6.61
CA VAL B 238 -37.06 -4.61 -6.65
C VAL B 238 -38.45 -3.97 -6.74
N PRO B 239 -39.36 -4.43 -7.61
CA PRO B 239 -40.66 -3.73 -7.73
C PRO B 239 -41.46 -3.73 -6.43
N ASP B 240 -42.06 -2.57 -6.14
CA ASP B 240 -42.99 -2.36 -5.05
C ASP B 240 -44.36 -2.95 -5.40
N VAL B 241 -45.25 -2.99 -4.39
CA VAL B 241 -46.66 -3.31 -4.60
C VAL B 241 -47.48 -2.36 -3.72
N TRP B 242 -48.32 -1.55 -4.35
CA TRP B 242 -49.12 -0.54 -3.65
C TRP B 242 -50.57 -0.98 -3.54
N GLY B 243 -51.18 -0.69 -2.39
CA GLY B 243 -52.62 -0.59 -2.32
C GLY B 243 -53.09 0.65 -3.07
N GLN B 244 -54.39 0.76 -3.24
CA GLN B 244 -54.92 1.91 -3.97
C GLN B 244 -55.29 3.09 -3.06
N GLY B 245 -55.04 2.97 -1.76
CA GLY B 245 -55.08 4.12 -0.88
C GLY B 245 -56.44 4.35 -0.25
N THR B 246 -56.41 5.04 0.90
CA THR B 246 -57.60 5.40 1.66
C THR B 246 -57.62 6.92 1.82
N PRO B 247 -58.65 7.59 1.36
CA PRO B 247 -58.73 9.05 1.57
C PRO B 247 -59.01 9.41 3.02
N VAL B 248 -58.29 10.41 3.52
CA VAL B 248 -58.46 10.89 4.90
C VAL B 248 -58.55 12.41 4.88
N THR B 249 -59.70 12.93 5.34
CA THR B 249 -59.96 14.37 5.41
C THR B 249 -60.14 14.77 6.87
N VAL B 250 -59.26 15.64 7.35
CA VAL B 250 -59.27 16.13 8.73
C VAL B 250 -60.20 17.35 8.86
N SER B 251 -61.28 17.20 9.63
CA SER B 251 -62.22 18.31 9.89
C SER B 251 -61.47 19.58 10.32
N SER C 2 -5.31 29.52 -31.88
CA SER C 2 -6.44 30.44 -31.86
C SER C 2 -7.45 30.03 -30.80
N ILE C 3 -8.39 29.16 -31.15
CA ILE C 3 -9.32 28.61 -30.18
C ILE C 3 -8.87 27.22 -29.71
N LEU C 4 -8.60 26.33 -30.65
CA LEU C 4 -8.11 24.99 -30.33
C LEU C 4 -6.59 25.07 -30.27
N ASP C 5 -6.04 25.08 -29.06
CA ASP C 5 -4.60 25.07 -28.87
C ASP C 5 -4.17 23.61 -28.77
N GLY C 6 -3.46 23.14 -29.78
CA GLY C 6 -3.08 21.74 -29.88
C GLY C 6 -3.01 21.31 -31.34
N PRO C 7 -3.08 19.99 -31.59
CA PRO C 7 -3.21 18.92 -30.60
C PRO C 7 -1.89 18.59 -29.93
N TYR C 8 -1.93 18.18 -28.68
CA TYR C 8 -0.73 17.90 -27.90
C TYR C 8 -0.56 16.40 -27.72
N GLN C 9 0.69 15.95 -27.75
CA GLN C 9 1.01 14.56 -27.50
C GLN C 9 0.48 14.14 -26.13
N PRO C 10 -0.09 12.95 -26.00
CA PRO C 10 -0.51 12.46 -24.69
C PRO C 10 0.63 12.54 -23.69
N THR C 11 0.34 13.04 -22.49
CA THR C 11 1.39 13.24 -21.50
C THR C 11 0.77 13.28 -20.10
N THR C 12 1.65 13.36 -19.10
CA THR C 12 1.27 13.50 -17.70
C THR C 12 1.74 14.85 -17.19
N PHE C 13 0.82 15.62 -16.60
CA PHE C 13 1.13 16.95 -16.10
C PHE C 13 -0.01 17.44 -15.24
N LYS C 14 0.29 18.45 -14.42
CA LYS C 14 -0.74 19.14 -13.66
C LYS C 14 -1.27 20.30 -14.51
N PRO C 15 -2.48 20.20 -15.06
CA PRO C 15 -2.97 21.27 -15.92
C PRO C 15 -3.32 22.50 -15.10
N PRO C 16 -3.17 23.70 -15.67
CA PRO C 16 -3.55 24.91 -14.93
C PRO C 16 -5.06 24.98 -14.74
N ASN C 17 -5.47 25.67 -13.69
CA ASN C 17 -6.89 25.94 -13.50
C ASN C 17 -7.39 26.93 -14.56
N ASP C 18 -8.71 26.97 -14.72
CA ASP C 18 -9.40 27.85 -15.66
C ASP C 18 -9.16 27.45 -17.12
N TYR C 19 -8.85 26.19 -17.39
CA TYR C 19 -8.65 25.75 -18.76
C TYR C 19 -9.33 24.41 -19.00
N TRP C 20 -10.01 24.30 -20.12
CA TRP C 20 -10.64 23.07 -20.57
C TRP C 20 -9.63 22.23 -21.35
N LEU C 21 -9.43 21.00 -20.91
CA LEU C 21 -8.75 19.98 -21.70
C LEU C 21 -9.80 19.29 -22.56
N LEU C 22 -9.63 19.38 -23.87
CA LEU C 22 -10.53 18.77 -24.85
C LEU C 22 -9.79 17.57 -25.44
N ILE C 23 -10.13 16.37 -25.00
CA ILE C 23 -9.40 15.17 -25.32
C ILE C 23 -10.11 14.42 -26.44
N SER C 24 -9.34 14.05 -27.47
CA SER C 24 -9.86 13.45 -28.70
C SER C 24 -9.54 11.96 -28.68
N SER C 25 -10.55 11.15 -28.35
CA SER C 25 -10.38 9.71 -28.23
C SER C 25 -10.62 9.06 -29.58
N ASN C 26 -9.71 8.17 -29.98
CA ASN C 26 -9.80 7.50 -31.27
C ASN C 26 -9.98 5.99 -31.15
N THR C 27 -9.94 5.44 -29.94
CA THR C 27 -9.99 4.01 -29.76
C THR C 27 -10.62 3.69 -28.41
N ASP C 28 -11.10 2.45 -28.29
CA ASP C 28 -11.70 2.00 -27.03
C ASP C 28 -10.61 1.79 -25.98
N GLY C 29 -10.95 2.07 -24.73
CA GLY C 29 -9.99 1.90 -23.68
C GLY C 29 -9.90 3.14 -22.82
N VAL C 30 -8.82 3.25 -22.06
CA VAL C 30 -8.70 4.34 -21.08
C VAL C 30 -8.30 5.62 -21.79
N VAL C 31 -9.15 6.64 -21.69
CA VAL C 31 -8.88 7.93 -22.29
C VAL C 31 -7.97 8.77 -21.39
N TYR C 32 -8.27 8.81 -20.09
CA TYR C 32 -7.39 9.50 -19.16
C TYR C 32 -7.63 8.99 -17.74
N GLU C 33 -6.62 9.17 -16.91
CA GLU C 33 -6.72 9.03 -15.46
C GLU C 33 -6.36 10.35 -14.82
N SER C 34 -7.01 10.69 -13.70
CA SER C 34 -6.74 11.96 -13.06
C SER C 34 -6.97 11.82 -11.56
N THR C 35 -6.02 12.35 -10.78
CA THR C 35 -6.19 12.27 -9.33
C THR C 35 -5.28 13.28 -8.63
N ASN C 36 -5.65 13.57 -7.38
CA ASN C 36 -4.82 14.36 -6.48
C ASN C 36 -4.22 13.48 -5.38
N ASN C 37 -4.61 12.20 -5.34
CA ASN C 37 -4.16 11.20 -4.37
C ASN C 37 -4.69 11.50 -2.97
N SER C 38 -5.73 12.33 -2.89
CA SER C 38 -6.26 12.82 -1.63
C SER C 38 -7.75 12.51 -1.49
N ASP C 39 -8.58 13.06 -2.37
CA ASP C 39 -10.01 12.80 -2.31
C ASP C 39 -10.69 12.69 -3.68
N PHE C 40 -9.93 12.76 -4.78
CA PHE C 40 -10.52 12.74 -6.11
C PHE C 40 -9.79 11.72 -6.99
N TRP C 41 -10.54 10.73 -7.48
CA TRP C 41 -10.01 9.73 -8.42
C TRP C 41 -11.01 9.58 -9.55
N THR C 42 -10.59 9.90 -10.78
CA THR C 42 -11.46 9.75 -11.95
C THR C 42 -10.66 9.19 -13.12
N ALA C 43 -11.27 8.25 -13.83
CA ALA C 43 -10.74 7.75 -15.10
C ALA C 43 -11.89 7.57 -16.08
N VAL C 44 -11.65 7.91 -17.35
CA VAL C 44 -12.67 7.81 -18.39
C VAL C 44 -12.34 6.62 -19.28
N ILE C 45 -13.34 5.78 -19.56
CA ILE C 45 -13.17 4.64 -20.46
C ILE C 45 -14.09 4.80 -21.66
N ALA C 46 -13.57 4.45 -22.83
CA ALA C 46 -14.26 4.58 -24.11
C ALA C 46 -14.72 3.21 -24.58
N VAL C 47 -15.99 3.14 -24.97
CA VAL C 47 -16.63 1.92 -25.47
C VAL C 47 -17.25 2.22 -26.82
N GLU C 48 -16.89 1.42 -27.82
CA GLU C 48 -17.37 1.62 -29.18
C GLU C 48 -18.85 1.25 -29.29
N PRO C 49 -19.53 1.74 -30.34
CA PRO C 49 -20.96 1.43 -30.50
C PRO C 49 -21.23 -0.05 -30.66
N HIS C 50 -22.44 -0.45 -30.25
CA HIS C 50 -22.97 -1.79 -30.41
C HIS C 50 -22.11 -2.83 -29.69
N VAL C 51 -22.01 -2.65 -28.37
CA VAL C 51 -21.30 -3.58 -27.51
C VAL C 51 -22.32 -4.17 -26.53
N SER C 52 -22.45 -5.49 -26.56
CA SER C 52 -23.35 -6.13 -25.60
C SER C 52 -22.68 -6.24 -24.25
N GLN C 53 -23.50 -6.44 -23.21
CA GLN C 53 -23.02 -6.43 -21.84
C GLN C 53 -21.82 -7.33 -21.66
N THR C 54 -20.71 -6.75 -21.21
CA THR C 54 -19.46 -7.48 -21.04
C THR C 54 -18.73 -6.88 -19.84
N ASN C 55 -17.76 -7.61 -19.33
CA ASN C 55 -16.74 -7.04 -18.45
C ASN C 55 -15.45 -6.89 -19.26
N ARG C 56 -14.86 -5.71 -19.19
CA ARG C 56 -13.60 -5.44 -19.88
C ARG C 56 -12.56 -5.03 -18.86
N GLN C 57 -11.29 -5.29 -19.20
CA GLN C 57 -10.17 -5.05 -18.30
C GLN C 57 -9.50 -3.74 -18.66
N TYR C 58 -9.29 -2.90 -17.65
CA TYR C 58 -8.63 -1.62 -17.81
C TYR C 58 -7.59 -1.47 -16.71
N VAL C 59 -6.54 -0.70 -17.00
CA VAL C 59 -5.52 -0.40 -16.00
C VAL C 59 -5.76 1.02 -15.51
N LEU C 60 -6.19 1.13 -14.25
CA LEU C 60 -6.50 2.41 -13.62
C LEU C 60 -5.54 2.62 -12.47
N PHE C 61 -4.70 3.64 -12.56
CA PHE C 61 -3.78 4.02 -11.47
C PHE C 61 -2.87 2.84 -11.11
N GLY C 62 -2.48 2.07 -12.11
CA GLY C 62 -1.65 0.91 -11.89
C GLY C 62 -2.37 -0.33 -11.38
N GLU C 63 -3.70 -0.36 -11.48
CA GLU C 63 -4.50 -1.46 -10.95
C GLU C 63 -5.33 -2.08 -12.07
N ASN C 64 -5.35 -3.40 -12.13
CA ASN C 64 -6.23 -4.10 -13.08
C ASN C 64 -7.65 -4.06 -12.54
N LYS C 65 -8.56 -3.50 -13.33
CA LYS C 65 -9.96 -3.36 -12.96
C LYS C 65 -10.82 -4.02 -14.01
N GLN C 66 -11.79 -4.81 -13.57
CA GLN C 66 -12.78 -5.41 -14.44
C GLN C 66 -14.07 -4.61 -14.32
N PHE C 67 -14.50 -4.00 -15.42
CA PHE C 67 -15.63 -3.08 -15.41
C PHE C 67 -16.74 -3.59 -16.31
N ASN C 68 -17.98 -3.47 -15.83
CA ASN C 68 -19.15 -3.84 -16.59
C ASN C 68 -19.49 -2.73 -17.57
N VAL C 69 -19.41 -3.02 -18.87
CA VAL C 69 -19.66 -2.06 -19.92
C VAL C 69 -20.74 -2.58 -20.85
N GLU C 70 -21.48 -1.64 -21.44
CA GLU C 70 -22.59 -1.94 -22.34
C GLU C 70 -22.85 -0.70 -23.17
N ASN C 71 -22.92 -0.88 -24.50
CA ASN C 71 -23.24 0.24 -25.40
C ASN C 71 -24.19 -0.25 -26.48
N SER C 72 -25.48 -0.01 -26.30
CA SER C 72 -26.49 -0.32 -27.29
C SER C 72 -26.76 0.84 -28.26
N SER C 73 -25.95 1.89 -28.20
CA SER C 73 -26.11 3.05 -29.05
C SER C 73 -25.40 2.88 -30.38
N ASP C 74 -25.72 3.75 -31.34
CA ASP C 74 -24.90 3.91 -32.53
C ASP C 74 -23.74 4.87 -32.30
N LYS C 75 -23.69 5.51 -31.13
CA LYS C 75 -22.62 6.44 -30.77
C LYS C 75 -21.63 5.76 -29.83
N TRP C 76 -20.48 6.40 -29.67
CA TRP C 76 -19.52 5.95 -28.67
C TRP C 76 -20.00 6.34 -27.29
N LYS C 77 -19.55 5.60 -26.28
CA LYS C 77 -19.90 5.92 -24.90
C LYS C 77 -18.64 6.07 -24.07
N PHE C 78 -18.64 7.08 -23.21
CA PHE C 78 -17.49 7.41 -22.38
C PHE C 78 -17.96 7.44 -20.94
N PHE C 79 -17.46 6.49 -20.15
CA PHE C 79 -17.90 6.30 -18.77
C PHE C 79 -16.86 6.86 -17.83
N GLU C 80 -17.32 7.56 -16.78
CA GLU C 80 -16.46 8.10 -15.75
C GLU C 80 -16.48 7.17 -14.54
N MET C 81 -15.31 6.65 -14.18
CA MET C 81 -15.13 5.87 -12.97
C MET C 81 -14.54 6.78 -11.90
N PHE C 82 -15.17 6.80 -10.74
CA PHE C 82 -14.80 7.72 -9.68
C PHE C 82 -14.68 6.99 -8.35
N LYS C 83 -13.76 7.48 -7.52
CA LYS C 83 -13.77 7.16 -6.11
C LYS C 83 -13.12 8.30 -5.35
N GLY C 84 -13.61 8.53 -4.13
CA GLY C 84 -13.22 9.67 -3.32
C GLY C 84 -12.25 9.37 -2.20
N SER C 85 -11.79 8.13 -2.07
CA SER C 85 -10.78 7.79 -1.09
C SER C 85 -9.97 6.62 -1.61
N SER C 86 -8.76 6.46 -1.07
CA SER C 86 -7.89 5.38 -1.54
C SER C 86 -8.51 4.02 -1.27
N GLN C 87 -9.16 3.85 -0.12
CA GLN C 87 -9.80 2.58 0.21
C GLN C 87 -11.12 2.36 -0.52
N SER C 88 -11.66 3.38 -1.18
CA SER C 88 -12.93 3.22 -1.86
C SER C 88 -12.76 2.40 -3.13
N ASP C 89 -13.88 1.91 -3.64
CA ASP C 89 -13.92 1.26 -4.95
C ASP C 89 -14.46 2.23 -6.00
N PHE C 90 -14.10 1.96 -7.24
CA PHE C 90 -14.57 2.78 -8.35
C PHE C 90 -16.01 2.40 -8.70
N SER C 91 -16.78 3.41 -9.08
CA SER C 91 -18.13 3.20 -9.59
C SER C 91 -18.36 4.16 -10.75
N ASN C 92 -19.29 3.79 -11.62
CA ASN C 92 -19.67 4.68 -12.72
C ASN C 92 -20.39 5.89 -12.15
N ARG C 93 -19.86 7.07 -12.45
CA ARG C 93 -20.47 8.33 -12.00
C ARG C 93 -21.19 9.06 -13.12
N ARG C 94 -20.63 9.10 -14.33
CA ARG C 94 -21.21 9.86 -15.42
C ARG C 94 -21.04 9.10 -16.73
N THR C 95 -21.93 9.40 -17.68
CA THR C 95 -21.87 8.85 -19.03
C THR C 95 -21.98 9.97 -20.04
N LEU C 96 -21.09 9.95 -21.03
CA LEU C 96 -21.19 10.80 -22.20
C LEU C 96 -21.41 9.92 -23.42
N THR C 97 -22.52 10.15 -24.13
CA THR C 97 -22.82 9.44 -25.37
C THR C 97 -22.54 10.40 -26.51
N SER C 98 -21.54 10.07 -27.33
CA SER C 98 -20.98 11.01 -28.29
C SER C 98 -20.58 10.31 -29.57
N ASN C 99 -20.96 10.91 -30.70
CA ASN C 99 -20.42 10.51 -31.99
C ASN C 99 -19.17 11.30 -32.36
N ASN C 100 -18.93 12.43 -31.70
CA ASN C 100 -17.73 13.22 -31.91
C ASN C 100 -16.53 12.66 -31.14
N ARG C 101 -16.79 11.91 -30.08
CA ARG C 101 -15.75 11.20 -29.32
C ARG C 101 -14.74 12.19 -28.71
N LEU C 102 -15.26 13.32 -28.23
CA LEU C 102 -14.48 14.31 -27.51
C LEU C 102 -14.95 14.35 -26.07
N VAL C 103 -14.02 14.33 -25.13
CA VAL C 103 -14.35 14.50 -23.72
C VAL C 103 -13.66 15.75 -23.21
N GLY C 104 -14.15 16.26 -22.08
CA GLY C 104 -13.61 17.50 -21.55
C GLY C 104 -13.45 17.51 -20.05
N MET C 105 -12.34 18.05 -19.56
CA MET C 105 -12.12 18.22 -18.13
C MET C 105 -11.62 19.62 -17.84
N LEU C 106 -12.19 20.25 -16.80
CA LEU C 106 -11.84 21.60 -16.40
C LEU C 106 -11.66 21.65 -14.89
N LYS C 107 -10.64 22.39 -14.44
CA LYS C 107 -10.44 22.65 -13.02
C LYS C 107 -10.79 24.12 -12.76
N TYR C 108 -11.84 24.35 -11.96
CA TYR C 108 -12.26 25.71 -11.70
C TYR C 108 -13.08 25.78 -10.42
N GLY C 109 -12.87 26.85 -9.65
CA GLY C 109 -13.69 27.15 -8.48
C GLY C 109 -13.76 26.04 -7.46
N GLY C 110 -12.62 25.42 -7.15
CA GLY C 110 -12.59 24.32 -6.22
C GLY C 110 -13.29 23.06 -6.69
N ARG C 111 -13.62 22.96 -7.98
CA ARG C 111 -14.36 21.83 -8.50
C ARG C 111 -13.75 21.37 -9.81
N VAL C 112 -14.11 20.15 -10.20
CA VAL C 112 -13.72 19.57 -11.48
C VAL C 112 -14.97 19.40 -12.31
N TRP C 113 -14.98 19.98 -13.50
CA TRP C 113 -16.12 19.95 -14.40
C TRP C 113 -15.84 19.03 -15.58
N THR C 114 -16.85 18.29 -16.00
CA THR C 114 -16.77 17.43 -17.17
C THR C 114 -18.07 17.57 -17.97
N PHE C 115 -18.09 16.94 -19.13
CA PHE C 115 -19.26 16.92 -19.99
C PHE C 115 -19.92 15.55 -19.91
N HIS C 116 -21.24 15.54 -19.71
CA HIS C 116 -22.00 14.31 -19.66
C HIS C 116 -23.36 14.54 -20.32
N GLY C 117 -24.06 13.43 -20.59
CA GLY C 117 -25.25 13.46 -21.41
C GLY C 117 -24.96 12.99 -22.83
N GLU C 118 -25.98 13.08 -23.67
CA GLU C 118 -25.89 12.65 -25.07
C GLU C 118 -25.78 13.85 -25.99
N THR C 119 -24.77 13.84 -26.85
CA THR C 119 -24.62 14.88 -27.85
C THR C 119 -25.85 14.92 -28.75
N PRO C 120 -26.23 16.12 -29.26
CA PRO C 120 -25.54 17.40 -29.06
C PRO C 120 -26.11 18.21 -27.90
N ARG C 121 -26.56 17.52 -26.85
CA ARG C 121 -27.16 18.19 -25.69
C ARG C 121 -26.37 17.91 -24.41
N ALA C 122 -25.11 17.52 -24.52
CA ALA C 122 -24.29 17.29 -23.34
C ALA C 122 -24.08 18.58 -22.57
N THR C 123 -23.95 18.46 -21.26
CA THR C 123 -23.82 19.60 -20.37
C THR C 123 -22.68 19.36 -19.38
N THR C 124 -22.20 20.44 -18.79
CA THR C 124 -21.16 20.33 -17.77
C THR C 124 -21.75 19.95 -16.43
N ASP C 125 -20.94 19.23 -15.65
CA ASP C 125 -21.29 18.80 -14.30
C ASP C 125 -20.03 18.78 -13.47
N SER C 126 -20.17 19.09 -12.18
CA SER C 126 -19.01 19.27 -11.32
C SER C 126 -18.93 18.19 -10.26
N SER C 127 -17.70 17.98 -9.78
CA SER C 127 -17.39 17.15 -8.63
C SER C 127 -16.54 17.97 -7.68
N ASN C 128 -16.92 17.98 -6.41
CA ASN C 128 -16.22 18.79 -5.41
C ASN C 128 -14.91 18.16 -5.01
N THR C 129 -13.96 19.01 -4.62
CA THR C 129 -12.69 18.56 -4.08
C THR C 129 -12.18 19.62 -3.12
N ALA C 130 -11.38 19.18 -2.15
CA ALA C 130 -10.74 20.11 -1.23
C ALA C 130 -9.29 20.38 -1.59
N ASP C 131 -8.78 19.74 -2.67
CA ASP C 131 -7.40 19.88 -3.09
C ASP C 131 -7.34 19.91 -4.63
N LEU C 132 -7.87 20.99 -5.21
CA LEU C 132 -7.85 21.14 -6.66
C LEU C 132 -6.43 21.32 -7.20
N ASN C 133 -5.59 22.04 -6.46
CA ASN C 133 -4.25 22.36 -6.95
C ASN C 133 -3.36 21.13 -7.16
N ASN C 134 -3.62 20.03 -6.47
CA ASN C 134 -2.76 18.86 -6.59
C ASN C 134 -3.33 17.81 -7.54
N ILE C 135 -4.38 18.14 -8.29
CA ILE C 135 -4.95 17.20 -9.24
C ILE C 135 -4.09 17.20 -10.51
N SER C 136 -3.63 16.03 -10.90
CA SER C 136 -2.91 15.86 -12.16
C SER C 136 -3.66 14.86 -13.04
N ILE C 137 -3.14 14.64 -14.24
CA ILE C 137 -3.83 13.84 -15.24
C ILE C 137 -2.80 13.15 -16.14
N ILE C 138 -3.06 11.87 -16.42
CA ILE C 138 -2.44 11.14 -17.51
C ILE C 138 -3.46 11.08 -18.63
N ILE C 139 -3.23 11.85 -19.69
CA ILE C 139 -4.08 11.84 -20.87
C ILE C 139 -3.50 10.82 -21.84
N HIS C 140 -4.30 9.81 -22.19
CA HIS C 140 -3.85 8.74 -23.08
C HIS C 140 -4.01 9.11 -24.56
N SER C 141 -4.83 10.11 -24.88
CA SER C 141 -5.12 10.51 -26.24
C SER C 141 -4.59 11.92 -26.48
N GLU C 142 -4.62 12.34 -27.73
CA GLU C 142 -4.22 13.70 -28.05
C GLU C 142 -5.30 14.67 -27.56
N PHE C 143 -4.88 15.90 -27.23
CA PHE C 143 -5.79 16.82 -26.57
C PHE C 143 -5.49 18.26 -26.98
N TYR C 144 -6.45 19.13 -26.69
CA TYR C 144 -6.37 20.56 -26.97
C TYR C 144 -6.65 21.32 -25.68
N ILE C 145 -6.23 22.58 -25.64
CA ILE C 145 -6.40 23.44 -24.47
C ILE C 145 -7.19 24.67 -24.88
N ILE C 146 -8.32 24.89 -24.20
CA ILE C 146 -9.16 26.06 -24.48
C ILE C 146 -9.40 26.82 -23.19
N PRO C 147 -9.27 28.15 -23.16
CA PRO C 147 -9.55 28.88 -21.92
C PRO C 147 -11.02 28.80 -21.55
N ARG C 148 -11.28 28.84 -20.24
CA ARG C 148 -12.65 28.76 -19.73
C ARG C 148 -13.53 29.86 -20.30
N SER C 149 -12.96 31.04 -20.56
CA SER C 149 -13.73 32.13 -21.14
C SER C 149 -14.30 31.79 -22.51
N GLN C 150 -13.86 30.70 -23.12
CA GLN C 150 -14.41 30.23 -24.39
C GLN C 150 -15.05 28.85 -24.24
N GLU C 151 -15.59 28.57 -23.05
CA GLU C 151 -16.22 27.28 -22.79
C GLU C 151 -17.33 26.99 -23.78
N SER C 152 -18.12 28.01 -24.13
CA SER C 152 -19.15 27.85 -25.17
C SER C 152 -18.58 27.18 -26.41
N LYS C 153 -17.45 27.70 -26.92
CA LYS C 153 -16.79 27.07 -28.05
C LYS C 153 -16.44 25.62 -27.76
N CYS C 154 -15.81 25.37 -26.61
CA CYS C 154 -15.52 24.00 -26.20
C CYS C 154 -16.80 23.17 -26.20
N ASN C 155 -17.87 23.73 -25.62
CA ASN C 155 -19.17 23.10 -25.67
C ASN C 155 -19.53 22.71 -27.10
N GLU C 156 -19.45 23.68 -28.02
CA GLU C 156 -19.80 23.43 -29.41
C GLU C 156 -18.97 22.31 -30.01
N TYR C 157 -17.70 22.19 -29.60
CA TYR C 157 -16.91 21.08 -30.10
C TYR C 157 -17.42 19.76 -29.53
N ILE C 158 -17.57 19.69 -28.20
CA ILE C 158 -17.99 18.45 -27.54
C ILE C 158 -19.26 17.93 -28.19
N ASN C 159 -20.20 18.82 -28.47
CA ASN C 159 -21.50 18.44 -28.96
C ASN C 159 -21.54 18.24 -30.47
N ASN C 160 -20.70 18.95 -31.23
CA ASN C 160 -20.83 18.87 -32.69
C ASN C 160 -19.53 18.59 -33.45
N GLY C 161 -18.38 18.57 -32.79
CA GLY C 161 -17.15 18.27 -33.48
C GLY C 161 -16.64 19.44 -34.30
N LEU C 162 -15.63 19.14 -35.11
CA LEU C 162 -15.05 20.13 -36.01
C LEU C 162 -15.90 20.31 -37.26
N SER D 2 -6.57 6.97 14.03
CA SER D 2 -6.16 5.59 13.79
C SER D 2 -7.32 4.63 14.06
N GLN D 3 -8.43 4.83 13.34
CA GLN D 3 -9.63 4.04 13.64
C GLN D 3 -9.44 2.56 13.37
N PRO D 4 -8.92 2.11 12.23
CA PRO D 4 -8.62 0.68 12.08
C PRO D 4 -7.33 0.30 12.78
N VAL D 5 -7.31 -0.94 13.28
CA VAL D 5 -6.16 -1.50 13.97
C VAL D 5 -5.73 -2.76 13.22
N LEU D 6 -4.45 -2.86 12.88
CA LEU D 6 -3.90 -4.03 12.21
C LEU D 6 -3.14 -4.88 13.23
N THR D 7 -3.48 -6.16 13.29
CA THR D 7 -2.90 -7.09 14.26
C THR D 7 -2.00 -8.07 13.53
N GLN D 8 -0.72 -8.09 13.92
CA GLN D 8 0.27 -9.01 13.39
C GLN D 8 0.92 -9.81 14.53
N PRO D 9 1.13 -11.11 14.35
CA PRO D 9 1.92 -11.85 15.32
C PRO D 9 3.36 -11.37 15.33
N PRO D 10 3.95 -11.15 16.51
CA PRO D 10 5.34 -10.69 16.55
C PRO D 10 6.33 -11.66 15.93
N SER D 11 6.08 -12.96 16.02
CA SER D 11 7.06 -13.97 15.65
C SER D 11 6.46 -14.99 14.70
N ALA D 12 7.30 -15.55 13.84
CA ALA D 12 6.92 -16.64 12.97
C ALA D 12 8.18 -17.41 12.56
N SER D 13 8.03 -18.71 12.37
CA SER D 13 9.14 -19.57 11.97
C SER D 13 8.69 -20.51 10.86
N ALA D 14 9.63 -20.84 9.98
CA ALA D 14 9.37 -21.75 8.87
C ALA D 14 10.68 -22.43 8.49
N SER D 15 10.57 -23.71 8.13
CA SER D 15 11.72 -24.45 7.65
C SER D 15 11.99 -24.12 6.18
N LEU D 16 13.27 -24.24 5.80
CA LEU D 16 13.68 -23.98 4.44
C LEU D 16 12.92 -24.87 3.47
N GLY D 17 12.46 -24.29 2.37
CA GLY D 17 11.74 -25.03 1.35
C GLY D 17 10.28 -25.30 1.65
N ALA D 18 9.79 -24.95 2.84
CA ALA D 18 8.38 -25.10 3.17
C ALA D 18 7.63 -23.82 2.79
N SER D 19 6.34 -23.77 3.15
CA SER D 19 5.50 -22.61 2.91
C SER D 19 5.05 -22.02 4.25
N VAL D 20 4.92 -20.69 4.27
CA VAL D 20 4.48 -19.99 5.47
C VAL D 20 3.49 -18.91 5.06
N THR D 21 2.48 -18.68 5.90
CA THR D 21 1.49 -17.64 5.66
C THR D 21 1.54 -16.67 6.83
N LEU D 22 1.95 -15.44 6.56
CA LEU D 22 1.90 -14.36 7.53
C LEU D 22 0.54 -13.69 7.43
N THR D 23 -0.02 -13.34 8.58
CA THR D 23 -1.36 -12.78 8.64
C THR D 23 -1.33 -11.38 9.23
N CYS D 24 -2.25 -10.55 8.73
CA CYS D 24 -2.49 -9.21 9.26
C CYS D 24 -4.00 -9.06 9.35
N THR D 25 -4.48 -8.85 10.57
CA THR D 25 -5.92 -8.88 10.84
C THR D 25 -6.42 -7.45 11.05
N LEU D 26 -7.34 -7.02 10.19
CA LEU D 26 -8.02 -5.76 10.40
C LEU D 26 -8.99 -5.89 11.57
N SER D 27 -9.19 -4.78 12.29
CA SER D 27 -10.23 -4.75 13.30
C SER D 27 -11.60 -4.67 12.62
N SER D 28 -12.64 -4.98 13.39
CA SER D 28 -13.96 -5.13 12.80
C SER D 28 -14.45 -3.80 12.23
N GLY D 29 -15.21 -3.90 11.13
CA GLY D 29 -15.72 -2.73 10.43
C GLY D 29 -14.95 -2.36 9.17
N TYR D 30 -13.79 -2.96 8.94
CA TYR D 30 -12.92 -2.57 7.84
C TYR D 30 -12.63 -3.73 6.89
N SER D 31 -13.59 -4.65 6.74
CA SER D 31 -13.37 -5.86 5.95
C SER D 31 -13.17 -5.58 4.47
N ASN D 32 -13.40 -4.36 4.01
CA ASN D 32 -13.16 -4.00 2.61
C ASN D 32 -11.82 -3.31 2.40
N TYR D 33 -11.05 -3.12 3.46
CA TYR D 33 -9.81 -2.35 3.36
C TYR D 33 -8.71 -3.17 2.69
N LYS D 34 -7.90 -2.49 1.90
CA LYS D 34 -6.70 -3.08 1.31
C LYS D 34 -5.50 -2.72 2.18
N VAL D 35 -4.57 -3.67 2.31
CA VAL D 35 -3.36 -3.43 3.09
C VAL D 35 -2.13 -3.72 2.25
N ASP D 36 -1.05 -2.99 2.55
CA ASP D 36 0.22 -3.17 1.89
C ASP D 36 1.14 -3.98 2.78
N TRP D 37 1.80 -4.98 2.19
CA TRP D 37 2.83 -5.77 2.83
C TRP D 37 4.17 -5.20 2.43
N TYR D 38 5.06 -5.07 3.43
CA TYR D 38 6.42 -4.59 3.27
C TYR D 38 7.39 -5.61 3.86
N GLN D 39 8.55 -5.74 3.22
CA GLN D 39 9.62 -6.64 3.68
C GLN D 39 10.84 -5.83 4.05
N GLN D 40 11.33 -6.04 5.27
CA GLN D 40 12.50 -5.35 5.83
C GLN D 40 13.56 -6.41 6.09
N ARG D 41 14.51 -6.52 5.16
CA ARG D 41 15.56 -7.51 5.25
C ARG D 41 16.61 -7.11 6.28
N PRO D 42 17.38 -8.07 6.79
CA PRO D 42 18.44 -7.73 7.74
C PRO D 42 19.34 -6.61 7.22
N GLY D 43 19.62 -5.64 8.09
CA GLY D 43 20.43 -4.50 7.70
C GLY D 43 19.83 -3.65 6.61
N LYS D 44 18.51 -3.70 6.43
CA LYS D 44 17.83 -2.97 5.37
C LYS D 44 16.61 -2.27 5.94
N GLY D 45 16.17 -1.22 5.25
CA GLY D 45 14.88 -0.65 5.51
C GLY D 45 13.77 -1.39 4.81
N PRO D 46 12.53 -0.95 5.05
CA PRO D 46 11.39 -1.62 4.41
C PRO D 46 11.36 -1.39 2.91
N ARG D 47 10.75 -2.34 2.22
CA ARG D 47 10.50 -2.23 0.78
C ARG D 47 9.16 -2.85 0.46
N PHE D 48 8.49 -2.28 -0.55
CA PHE D 48 7.12 -2.70 -0.85
C PHE D 48 7.10 -4.12 -1.37
N VAL D 49 6.09 -4.88 -0.93
CA VAL D 49 5.91 -6.25 -1.38
C VAL D 49 4.62 -6.33 -2.19
N MET D 50 3.48 -6.11 -1.54
CA MET D 50 2.23 -6.32 -2.28
C MET D 50 1.05 -5.72 -1.54
N ARG D 51 0.08 -5.21 -2.30
CA ARG D 51 -1.19 -4.75 -1.75
C ARG D 51 -2.25 -5.81 -1.97
N VAL D 52 -3.09 -6.04 -0.96
CA VAL D 52 -4.11 -7.07 -1.03
C VAL D 52 -5.41 -6.61 -0.38
N GLY D 53 -6.53 -6.90 -1.07
CA GLY D 53 -7.84 -6.80 -0.47
C GLY D 53 -8.55 -8.15 -0.46
N THR D 54 -9.88 -8.14 -0.38
CA THR D 54 -10.60 -9.41 -0.43
C THR D 54 -10.61 -10.03 -1.81
N GLY D 55 -10.21 -9.28 -2.83
CA GLY D 55 -10.12 -9.84 -4.16
C GLY D 55 -8.67 -10.11 -4.52
N GLY D 56 -7.79 -10.14 -3.53
CA GLY D 56 -6.42 -10.50 -3.82
C GLY D 56 -5.50 -9.33 -4.11
N ILE D 57 -4.54 -9.52 -5.02
CA ILE D 57 -3.50 -8.53 -5.24
C ILE D 57 -4.07 -7.34 -5.99
N VAL D 58 -3.65 -6.15 -5.58
CA VAL D 58 -4.01 -4.90 -6.23
C VAL D 58 -2.74 -4.26 -6.75
N GLY D 59 -2.70 -3.98 -8.05
CA GLY D 59 -1.54 -3.35 -8.65
C GLY D 59 -0.37 -4.32 -8.82
N SER D 60 0.76 -3.73 -9.23
CA SER D 60 1.97 -4.50 -9.45
C SER D 60 2.64 -4.85 -8.14
N LYS D 61 3.29 -6.01 -8.12
CA LYS D 61 4.09 -6.40 -6.98
C LYS D 61 5.42 -5.64 -7.00
N GLY D 62 6.05 -5.57 -5.82
CA GLY D 62 7.25 -4.77 -5.68
C GLY D 62 8.45 -5.32 -6.43
N ASP D 63 9.42 -4.43 -6.63
CA ASP D 63 10.69 -4.79 -7.27
C ASP D 63 11.41 -5.85 -6.45
N GLY D 64 11.89 -6.89 -7.13
CA GLY D 64 12.69 -7.92 -6.49
C GLY D 64 11.92 -8.96 -5.72
N ILE D 65 10.59 -8.93 -5.76
CA ILE D 65 9.78 -9.90 -5.02
C ILE D 65 9.66 -11.16 -5.86
N ALA D 66 10.01 -12.30 -5.27
CA ALA D 66 10.01 -13.55 -6.02
C ALA D 66 8.58 -13.99 -6.35
N ASP D 67 8.47 -14.82 -7.38
CA ASP D 67 7.17 -15.38 -7.74
C ASP D 67 6.63 -16.30 -6.66
N ARG D 68 7.48 -16.73 -5.72
CA ARG D 68 7.06 -17.54 -4.59
C ARG D 68 6.20 -16.75 -3.61
N PHE D 69 6.15 -15.44 -3.74
CA PHE D 69 5.31 -14.60 -2.87
C PHE D 69 3.94 -14.43 -3.52
N SER D 70 2.90 -14.73 -2.75
CA SER D 70 1.52 -14.54 -3.17
C SER D 70 0.76 -13.90 -2.01
N VAL D 71 -0.50 -13.56 -2.24
CA VAL D 71 -1.23 -12.74 -1.28
C VAL D 71 -2.71 -13.05 -1.42
N SER D 72 -3.43 -12.99 -0.30
CA SER D 72 -4.85 -13.32 -0.32
C SER D 72 -5.59 -12.54 0.75
N GLY D 73 -6.91 -12.43 0.59
CA GLY D 73 -7.71 -11.68 1.53
C GLY D 73 -9.12 -12.21 1.69
N SER D 74 -9.62 -12.24 2.92
CA SER D 74 -10.96 -12.75 3.19
C SER D 74 -11.41 -12.25 4.56
N GLY D 75 -12.58 -11.61 4.58
CA GLY D 75 -13.06 -11.02 5.82
C GLY D 75 -12.10 -9.95 6.30
N LEU D 76 -11.66 -10.08 7.55
CA LEU D 76 -10.67 -9.18 8.11
C LEU D 76 -9.24 -9.70 7.94
N ASN D 77 -9.05 -10.88 7.35
CA ASN D 77 -7.74 -11.47 7.19
C ASN D 77 -7.09 -11.00 5.89
N ARG D 78 -5.83 -10.58 5.99
CA ARG D 78 -5.00 -10.33 4.82
C ARG D 78 -3.70 -11.10 5.01
N SER D 79 -3.36 -11.96 4.06
CA SER D 79 -2.28 -12.92 4.23
C SER D 79 -1.24 -12.77 3.13
N LEU D 80 0.02 -12.90 3.52
CA LEU D 80 1.17 -12.98 2.62
C LEU D 80 1.73 -14.40 2.70
N THR D 81 1.69 -15.13 1.58
CA THR D 81 2.10 -16.52 1.55
C THR D 81 3.41 -16.67 0.79
N ILE D 82 4.39 -17.31 1.43
CA ILE D 82 5.69 -17.57 0.83
C ILE D 82 5.82 -19.07 0.62
N LYS D 83 6.06 -19.47 -0.63
CA LYS D 83 6.21 -20.86 -1.02
C LYS D 83 7.69 -21.14 -1.22
N ASN D 84 8.10 -22.38 -0.94
CA ASN D 84 9.48 -22.81 -1.14
C ASN D 84 10.45 -21.85 -0.46
N ILE D 85 10.31 -21.75 0.86
CA ILE D 85 11.03 -20.75 1.65
C ILE D 85 12.52 -20.81 1.38
N GLN D 86 13.11 -19.64 1.13
CA GLN D 86 14.53 -19.47 0.89
C GLN D 86 15.14 -18.70 2.05
N GLU D 87 16.46 -18.82 2.19
CA GLU D 87 17.14 -18.17 3.31
C GLU D 87 16.91 -16.67 3.32
N GLU D 88 16.94 -16.02 2.15
CA GLU D 88 16.76 -14.58 2.08
C GLU D 88 15.36 -14.13 2.48
N ASP D 89 14.43 -15.06 2.67
CA ASP D 89 13.08 -14.68 3.11
C ASP D 89 13.03 -14.28 4.58
N GLU D 90 14.04 -14.67 5.36
CA GLU D 90 14.13 -14.24 6.76
C GLU D 90 14.12 -12.72 6.81
N SER D 91 13.10 -12.16 7.46
CA SER D 91 12.96 -10.70 7.42
C SER D 91 11.88 -10.29 8.41
N ASP D 92 11.76 -8.99 8.62
CA ASP D 92 10.59 -8.44 9.29
C ASP D 92 9.57 -8.06 8.23
N TYR D 93 8.32 -8.44 8.46
CA TYR D 93 7.24 -8.17 7.53
C TYR D 93 6.23 -7.26 8.19
N HIS D 94 5.86 -6.19 7.50
CA HIS D 94 5.03 -5.14 8.07
C HIS D 94 3.75 -4.97 7.28
N CYS D 95 2.71 -4.60 8.02
CA CYS D 95 1.37 -4.35 7.49
C CYS D 95 1.06 -2.86 7.54
N GLY D 96 0.46 -2.35 6.48
CA GLY D 96 0.09 -0.94 6.43
C GLY D 96 -1.23 -0.75 5.75
N ALA D 97 -1.94 0.32 6.12
CA ALA D 97 -3.26 0.55 5.57
C ALA D 97 -3.64 2.02 5.64
N ASP D 98 -4.18 2.52 4.53
CA ASP D 98 -4.70 3.88 4.45
C ASP D 98 -6.07 3.97 5.12
N HIS D 99 -6.40 5.17 5.61
CA HIS D 99 -7.71 5.38 6.21
C HIS D 99 -8.07 6.84 6.12
N GLY D 100 -9.26 7.14 5.60
CA GLY D 100 -9.69 8.51 5.41
C GLY D 100 -9.32 9.05 4.04
N SER D 101 -9.55 10.36 3.87
CA SER D 101 -9.31 11.01 2.59
C SER D 101 -9.20 12.51 2.81
N GLY D 102 -8.08 13.09 2.43
CA GLY D 102 -7.89 14.53 2.56
C GLY D 102 -7.60 14.97 3.99
N ASP D 103 -8.52 15.73 4.58
CA ASP D 103 -8.30 16.27 5.93
C ASP D 103 -8.13 15.16 6.97
N ASN D 104 -8.93 14.10 6.86
CA ASN D 104 -9.02 13.06 7.87
C ASN D 104 -8.02 11.92 7.66
N PHE D 105 -7.11 12.06 6.69
CA PHE D 105 -6.29 10.92 6.32
C PHE D 105 -5.29 10.56 7.42
N VAL D 106 -5.11 9.25 7.61
CA VAL D 106 -4.06 8.70 8.45
C VAL D 106 -3.68 7.34 7.88
N ARG D 107 -2.41 6.99 8.01
CA ARG D 107 -1.93 5.66 7.64
C ARG D 107 -1.54 4.92 8.92
N VAL D 108 -2.00 3.68 9.04
CA VAL D 108 -1.73 2.89 10.22
C VAL D 108 -0.93 1.65 9.83
N PHE D 109 -0.21 1.11 10.81
CA PHE D 109 0.67 -0.02 10.61
C PHE D 109 0.42 -1.09 11.66
N GLY D 110 0.62 -2.35 11.27
CA GLY D 110 0.64 -3.42 12.22
C GLY D 110 1.93 -3.42 13.02
N GLY D 111 2.03 -4.37 13.95
CA GLY D 111 3.16 -4.38 14.85
C GLY D 111 4.44 -4.87 14.21
N GLY D 112 4.34 -5.72 13.21
CA GLY D 112 5.52 -6.29 12.59
C GLY D 112 5.69 -7.75 12.98
N THR D 113 6.03 -8.59 12.01
CA THR D 113 6.25 -10.00 12.24
C THR D 113 7.68 -10.35 11.84
N LYS D 114 8.48 -10.80 12.80
CA LYS D 114 9.83 -11.26 12.51
C LYS D 114 9.76 -12.71 12.05
N LEU D 115 10.02 -12.96 10.77
CA LEU D 115 10.04 -14.30 10.21
C LEU D 115 11.46 -14.83 10.23
N THR D 116 11.64 -15.94 10.96
CA THR D 116 12.90 -16.66 11.07
C THR D 116 12.82 -17.91 10.21
N VAL D 117 13.84 -18.12 9.39
CA VAL D 117 13.91 -19.27 8.50
C VAL D 117 14.84 -20.30 9.14
N LEU D 118 14.32 -21.50 9.38
CA LEU D 118 15.10 -22.57 9.98
C LEU D 118 15.87 -23.34 8.91
N GLN D 134 15.08 3.31 -9.62
CA GLN D 134 15.00 4.42 -10.56
C GLN D 134 14.93 5.75 -9.83
N VAL D 135 13.85 5.97 -9.09
CA VAL D 135 13.73 7.11 -8.20
C VAL D 135 14.32 6.73 -6.86
N GLN D 136 15.30 7.51 -6.40
CA GLN D 136 16.05 7.23 -5.18
C GLN D 136 15.88 8.38 -4.19
N LEU D 137 15.67 8.01 -2.93
CA LEU D 137 15.57 8.96 -1.83
C LEU D 137 16.70 8.68 -0.86
N GLN D 138 17.42 9.74 -0.46
CA GLN D 138 18.41 9.62 0.59
C GLN D 138 18.07 10.63 1.67
N GLU D 139 17.95 10.16 2.91
CA GLU D 139 17.63 11.05 4.03
C GLU D 139 18.88 11.31 4.86
N SER D 140 18.96 12.53 5.42
CA SER D 140 20.05 12.93 6.27
C SER D 140 19.53 13.72 7.46
N GLY D 141 20.25 13.63 8.56
CA GLY D 141 19.89 14.31 9.79
C GLY D 141 21.10 14.53 10.68
N PRO D 142 20.86 14.93 11.93
CA PRO D 142 21.97 15.23 12.85
C PRO D 142 22.47 14.05 13.65
N GLY D 143 21.82 12.89 13.58
CA GLY D 143 22.26 11.74 14.36
C GLY D 143 21.79 11.79 15.80
N LEU D 144 22.23 12.81 16.54
CA LEU D 144 21.87 13.01 17.93
C LEU D 144 21.24 14.38 18.10
N VAL D 145 20.19 14.45 18.92
CA VAL D 145 19.48 15.69 19.19
C VAL D 145 19.15 15.72 20.68
N LYS D 146 19.24 16.91 21.28
CA LYS D 146 18.96 17.05 22.70
C LYS D 146 17.46 17.21 22.94
N PRO D 147 16.97 16.85 24.12
CA PRO D 147 15.53 16.94 24.39
C PRO D 147 15.06 18.38 24.37
N SER D 148 13.79 18.55 24.01
CA SER D 148 13.10 19.83 23.90
C SER D 148 13.61 20.67 22.74
N GLN D 149 14.63 20.23 22.02
CA GLN D 149 15.08 20.94 20.84
C GLN D 149 14.19 20.55 19.66
N THR D 150 14.52 21.06 18.47
CA THR D 150 13.75 20.77 17.28
C THR D 150 14.62 19.97 16.30
N LEU D 151 14.26 18.71 16.10
CA LEU D 151 14.89 17.83 15.12
C LEU D 151 14.58 18.30 13.69
N SER D 152 15.61 18.33 12.85
CA SER D 152 15.46 18.76 11.46
C SER D 152 16.09 17.73 10.52
N LEU D 153 15.28 17.21 9.59
CA LEU D 153 15.69 16.18 8.65
C LEU D 153 15.50 16.64 7.21
N THR D 154 16.31 16.09 6.33
CA THR D 154 16.24 16.39 4.90
C THR D 154 16.21 15.08 4.14
N CYS D 155 15.62 15.10 2.94
CA CYS D 155 15.71 13.97 2.02
C CYS D 155 15.84 14.50 0.60
N SER D 156 16.84 13.99 -0.10
CA SER D 156 17.10 14.35 -1.50
C SER D 156 16.59 13.25 -2.41
N VAL D 157 15.86 13.65 -3.46
CA VAL D 157 15.29 12.75 -4.45
C VAL D 157 16.02 12.95 -5.76
N SER D 158 16.31 11.86 -6.47
CA SER D 158 17.14 11.93 -7.67
C SER D 158 16.46 11.48 -8.95
N GLY D 159 15.56 10.50 -8.91
CA GLY D 159 15.05 10.00 -10.17
C GLY D 159 13.87 10.74 -10.76
N VAL D 160 13.39 11.80 -10.12
CA VAL D 160 12.15 12.46 -10.51
C VAL D 160 12.24 13.93 -10.12
N SER D 161 11.41 14.74 -10.77
CA SER D 161 11.29 16.15 -10.45
C SER D 161 10.17 16.35 -9.43
N LEU D 162 10.50 16.91 -8.27
CA LEU D 162 9.47 17.16 -7.27
C LEU D 162 8.47 18.18 -7.79
N SER D 163 8.83 18.87 -8.87
CA SER D 163 7.97 19.86 -9.51
C SER D 163 6.94 19.22 -10.43
N GLY D 164 7.08 17.92 -10.72
CA GLY D 164 6.14 17.25 -11.61
C GLY D 164 4.70 17.30 -11.10
N GLY D 165 4.53 17.17 -9.79
CA GLY D 165 3.23 17.32 -9.18
C GLY D 165 2.37 16.08 -9.14
N SER D 166 2.92 14.90 -9.44
CA SER D 166 2.13 13.66 -9.41
C SER D 166 2.68 12.69 -8.37
N TYR D 167 3.19 13.21 -7.26
CA TYR D 167 3.75 12.39 -6.20
C TYR D 167 3.30 12.91 -4.84
N THR D 168 3.23 12.00 -3.88
CA THR D 168 2.98 12.32 -2.48
C THR D 168 4.19 11.82 -1.70
N TRP D 169 4.68 12.61 -0.76
CA TRP D 169 5.91 12.26 -0.05
C TRP D 169 5.60 12.05 1.42
N ASN D 170 5.81 10.84 1.91
CA ASN D 170 5.52 10.51 3.29
C ASN D 170 6.80 10.44 4.11
N TRP D 171 6.66 10.71 5.39
CA TRP D 171 7.67 10.45 6.39
C TRP D 171 7.09 9.43 7.36
N ILE D 172 7.87 8.38 7.61
CA ILE D 172 7.48 7.22 8.41
C ILE D 172 8.66 6.85 9.28
N ARG D 173 8.42 6.62 10.56
CA ARG D 173 9.51 6.33 11.48
C ARG D 173 9.35 4.93 12.08
N GLN D 174 10.49 4.38 12.49
CA GLN D 174 10.53 3.09 13.17
C GLN D 174 11.12 3.33 14.56
N PRO D 175 10.25 3.50 15.59
CA PRO D 175 10.71 3.80 16.95
C PRO D 175 10.85 2.58 17.86
N ALA D 176 10.66 2.83 19.16
CA ALA D 176 10.89 1.82 20.20
C ALA D 176 10.08 0.55 20.01
N GLY D 177 8.86 0.63 19.49
CA GLY D 177 8.13 -0.63 19.38
C GLY D 177 8.67 -1.59 18.34
N LYS D 178 9.53 -1.12 17.44
CA LYS D 178 10.11 -1.79 16.27
C LYS D 178 9.08 -1.79 15.14
N GLY D 179 7.88 -1.27 15.38
CA GLY D 179 6.88 -1.19 14.34
C GLY D 179 6.91 0.16 13.67
N LEU D 180 6.40 0.20 12.44
CA LEU D 180 6.43 1.43 11.68
C LEU D 180 5.36 2.40 12.19
N GLU D 181 5.60 3.69 11.96
CA GLU D 181 4.67 4.73 12.37
C GLU D 181 4.69 5.82 11.30
N TRP D 182 3.56 5.98 10.60
CA TRP D 182 3.39 7.12 9.72
C TRP D 182 3.35 8.39 10.55
N ILE D 183 4.16 9.37 10.17
CA ILE D 183 4.13 10.66 10.84
C ILE D 183 3.55 11.75 9.94
N GLY D 184 3.71 11.65 8.63
CA GLY D 184 3.09 12.70 7.80
C GLY D 184 3.33 12.49 6.33
N ARG D 185 2.67 13.35 5.55
CA ARG D 185 2.84 13.36 4.10
C ARG D 185 2.65 14.77 3.60
N ILE D 186 3.27 15.05 2.45
CA ILE D 186 3.30 16.38 1.85
C ILE D 186 3.05 16.24 0.35
N PHE D 187 2.24 17.13 -0.19
CA PHE D 187 1.92 17.16 -1.61
C PHE D 187 2.77 18.20 -2.31
N THR D 188 2.72 18.18 -3.64
CA THR D 188 3.56 19.06 -4.44
C THR D 188 3.31 20.53 -4.12
N SER D 189 2.06 20.88 -3.81
CA SER D 189 1.72 22.27 -3.52
C SER D 189 2.21 22.73 -2.16
N GLY D 190 2.69 21.82 -1.32
CA GLY D 190 3.09 22.15 0.03
C GLY D 190 2.05 21.81 1.08
N SER D 191 0.85 21.38 0.67
CA SER D 191 -0.15 20.94 1.63
C SER D 191 0.30 19.66 2.30
N THR D 192 -0.18 19.45 3.52
CA THR D 192 0.32 18.37 4.36
C THR D 192 -0.82 17.64 5.05
N ASN D 193 -0.52 16.40 5.44
CA ASN D 193 -1.32 15.65 6.40
C ASN D 193 -0.38 15.16 7.48
N TYR D 194 -0.71 15.48 8.73
CA TYR D 194 0.11 15.06 9.85
C TYR D 194 -0.64 14.04 10.71
N ASN D 195 0.13 13.15 11.30
CA ASN D 195 -0.42 12.25 12.31
C ASN D 195 -0.79 13.05 13.55
N PRO D 196 -2.02 12.93 14.07
CA PRO D 196 -2.39 13.66 15.28
C PRO D 196 -1.51 13.31 16.46
N SER D 197 -0.79 12.18 16.37
CA SER D 197 0.08 11.73 17.45
C SER D 197 1.08 12.80 17.85
N LEU D 198 1.60 13.54 16.88
CA LEU D 198 2.68 14.50 17.11
C LEU D 198 2.21 15.84 17.68
N LYS D 199 0.90 16.07 17.76
CA LYS D 199 0.33 17.27 18.38
C LYS D 199 0.92 18.57 17.82
N GLY D 200 1.16 18.61 16.51
CA GLY D 200 1.59 19.86 15.89
C GLY D 200 3.08 20.10 15.93
N ARG D 201 3.83 19.28 16.67
CA ARG D 201 5.27 19.39 16.70
C ARG D 201 5.91 19.13 15.35
N LEU D 202 5.19 18.53 14.41
CA LEU D 202 5.72 18.17 13.10
C LEU D 202 5.23 19.17 12.05
N THR D 203 6.19 19.74 11.31
CA THR D 203 5.91 20.52 10.11
C THR D 203 6.79 20.00 8.99
N MET D 204 6.24 19.97 7.77
CA MET D 204 6.93 19.41 6.62
C MET D 204 7.00 20.44 5.50
N SER D 205 8.15 20.51 4.84
CA SER D 205 8.37 21.44 3.75
C SER D 205 8.85 20.69 2.52
N ILE D 206 8.67 21.30 1.36
CA ILE D 206 9.13 20.74 0.10
C ILE D 206 9.78 21.85 -0.71
N ASP D 207 11.00 21.60 -1.18
CA ASP D 207 11.75 22.47 -2.06
C ASP D 207 11.74 21.83 -3.44
N THR D 208 10.73 22.21 -4.23
CA THR D 208 10.68 21.84 -5.64
C THR D 208 11.93 22.29 -6.37
N SER D 209 12.42 23.50 -6.05
CA SER D 209 13.52 24.09 -6.79
C SER D 209 14.82 23.34 -6.55
N LYS D 210 14.95 22.66 -5.41
CA LYS D 210 16.15 21.92 -5.08
C LYS D 210 15.93 20.41 -5.02
N ASN D 211 14.70 19.96 -5.23
CA ASN D 211 14.36 18.53 -5.17
C ASN D 211 14.66 17.97 -3.78
N GLN D 212 14.21 18.68 -2.75
CA GLN D 212 14.46 18.25 -1.38
C GLN D 212 13.20 18.34 -0.53
N LEU D 213 12.95 17.31 0.26
CA LEU D 213 11.92 17.36 1.28
C LEU D 213 12.58 17.64 2.62
N SER D 214 11.92 18.42 3.47
CA SER D 214 12.48 18.73 4.77
C SER D 214 11.41 18.58 5.84
N LEU D 215 11.87 18.40 7.06
CA LEU D 215 10.99 18.08 8.17
C LEU D 215 11.54 18.72 9.44
N ARG D 216 10.65 19.34 10.21
CA ARG D 216 10.98 19.89 11.52
C ARG D 216 10.03 19.28 12.55
N LEU D 217 10.58 18.62 13.56
CA LEU D 217 9.84 18.03 14.66
C LEU D 217 10.35 18.67 15.95
N SER D 218 9.53 19.51 16.57
CA SER D 218 9.98 20.29 17.70
C SER D 218 9.69 19.60 19.02
N SER D 219 10.35 20.08 20.08
CA SER D 219 10.12 19.62 21.46
C SER D 219 10.34 18.11 21.58
N VAL D 220 11.47 17.64 21.05
CA VAL D 220 11.67 16.20 20.89
C VAL D 220 11.89 15.54 22.26
N THR D 221 11.59 14.24 22.29
CA THR D 221 11.61 13.42 23.49
C THR D 221 12.18 12.07 23.09
N ALA D 222 12.71 11.33 24.07
CA ALA D 222 13.17 9.97 23.81
C ALA D 222 12.14 9.14 23.03
N ALA D 223 10.86 9.49 23.13
CA ALA D 223 9.84 8.86 22.30
C ALA D 223 10.05 9.10 20.82
N ASP D 224 10.78 10.16 20.46
CA ASP D 224 11.05 10.47 19.06
C ASP D 224 12.31 9.80 18.53
N THR D 225 13.02 9.05 19.37
CA THR D 225 14.19 8.30 18.93
C THR D 225 13.75 7.19 17.99
N ALA D 226 14.23 7.23 16.75
CA ALA D 226 13.74 6.29 15.75
C ALA D 226 14.60 6.39 14.50
N VAL D 227 14.41 5.43 13.60
CA VAL D 227 14.95 5.56 12.25
C VAL D 227 13.88 6.19 11.37
N TYR D 228 14.25 7.26 10.66
CA TYR D 228 13.29 8.05 9.89
C TYR D 228 13.46 7.78 8.40
N TYR D 229 12.37 7.39 7.75
CA TYR D 229 12.34 7.08 6.32
C TYR D 229 11.44 8.06 5.60
N CYS D 230 11.88 8.48 4.41
CA CYS D 230 11.04 9.21 3.47
C CYS D 230 10.63 8.26 2.36
N VAL D 231 9.34 8.26 2.03
CA VAL D 231 8.77 7.29 1.09
C VAL D 231 8.02 8.02 -0.01
N ALA D 232 8.26 7.61 -1.25
CA ALA D 232 7.61 8.21 -2.41
C ALA D 232 6.36 7.43 -2.78
N ASP D 233 5.30 8.15 -3.14
CA ASP D 233 4.01 7.55 -3.50
C ASP D 233 3.58 8.17 -4.82
N TYR D 234 3.87 7.47 -5.92
CA TYR D 234 3.46 7.92 -7.24
C TYR D 234 1.96 7.78 -7.41
N TYR D 235 1.33 8.82 -7.99
CA TYR D 235 -0.13 8.85 -8.10
C TYR D 235 -0.67 7.60 -8.79
N TYR D 236 -0.05 7.22 -9.92
CA TYR D 236 -0.65 6.29 -10.87
C TYR D 236 -0.02 4.89 -10.79
N SER D 237 0.44 4.49 -9.61
CA SER D 237 0.89 3.13 -9.40
C SER D 237 0.74 2.78 -7.93
N VAL D 238 0.76 1.50 -7.64
CA VAL D 238 0.64 0.99 -6.27
C VAL D 238 1.99 0.98 -5.54
N PRO D 239 3.06 0.40 -6.10
CA PRO D 239 4.25 0.13 -5.27
C PRO D 239 4.91 1.39 -4.73
N ASP D 240 5.42 1.26 -3.51
CA ASP D 240 6.11 2.32 -2.78
C ASP D 240 7.56 2.44 -3.26
N VAL D 241 8.21 3.52 -2.85
CA VAL D 241 9.66 3.68 -2.98
C VAL D 241 10.19 4.29 -1.70
N TRP D 242 11.08 3.57 -1.02
CA TRP D 242 11.61 3.98 0.28
C TRP D 242 13.06 4.42 0.16
N GLY D 243 13.43 5.40 0.98
CA GLY D 243 14.83 5.63 1.29
C GLY D 243 15.32 4.60 2.29
N GLN D 244 16.61 4.68 2.60
CA GLN D 244 17.19 3.73 3.55
C GLN D 244 17.19 4.25 4.99
N GLY D 245 16.87 5.53 5.20
CA GLY D 245 16.58 6.02 6.53
C GLY D 245 17.75 6.72 7.18
N THR D 246 17.43 7.55 8.18
CA THR D 246 18.40 8.24 9.02
C THR D 246 18.16 7.86 10.47
N PRO D 247 19.18 7.44 11.21
CA PRO D 247 18.99 7.17 12.63
C PRO D 247 18.94 8.48 13.42
N VAL D 248 18.04 8.54 14.39
CA VAL D 248 17.89 9.71 15.25
C VAL D 248 17.80 9.25 16.68
N THR D 249 18.76 9.66 17.50
CA THR D 249 18.76 9.39 18.93
C THR D 249 18.56 10.70 19.67
N VAL D 250 17.58 10.74 20.56
CA VAL D 250 17.38 11.88 21.44
C VAL D 250 18.11 11.61 22.76
N SER D 251 18.95 12.55 23.17
CA SER D 251 19.82 12.34 24.32
C SER D 251 19.01 12.34 25.61
N SER D 252 19.70 12.05 26.71
CA SER D 252 19.07 11.97 28.03
C SER D 252 18.58 13.35 28.49
N SER E 2 11.28 5.13 29.83
CA SER E 2 11.84 4.99 31.17
C SER E 2 13.31 4.60 31.10
N ILE E 3 13.71 3.57 31.87
CA ILE E 3 15.11 3.17 31.89
C ILE E 3 15.46 2.36 30.65
N LEU E 4 14.63 1.37 30.31
CA LEU E 4 14.91 0.47 29.19
C LEU E 4 14.37 1.14 27.92
N ASP E 5 15.19 1.97 27.30
CA ASP E 5 14.78 2.70 26.10
C ASP E 5 14.94 1.79 24.88
N GLY E 6 13.82 1.28 24.39
CA GLY E 6 13.81 0.35 23.27
C GLY E 6 12.58 -0.53 23.31
N PRO E 7 12.63 -1.69 22.65
CA PRO E 7 13.76 -2.20 21.86
C PRO E 7 13.80 -1.62 20.46
N TYR E 8 14.97 -1.46 19.87
CA TYR E 8 15.05 -0.86 18.55
C TYR E 8 15.34 -1.94 17.51
N GLN E 9 14.80 -1.73 16.32
CA GLN E 9 15.02 -2.66 15.22
C GLN E 9 16.51 -2.79 14.94
N PRO E 10 17.01 -4.00 14.67
CA PRO E 10 18.42 -4.15 14.28
C PRO E 10 18.76 -3.18 13.16
N THR E 11 19.78 -2.36 13.37
CA THR E 11 20.13 -1.31 12.42
C THR E 11 21.64 -1.14 12.36
N THR E 12 22.07 -0.30 11.43
CA THR E 12 23.47 0.09 11.29
C THR E 12 23.56 1.60 11.47
N PHE E 13 24.39 2.04 12.41
CA PHE E 13 24.52 3.47 12.68
C PHE E 13 25.74 3.69 13.58
N LYS E 14 26.06 4.97 13.77
CA LYS E 14 27.13 5.38 14.68
C LYS E 14 26.50 5.74 16.02
N PRO E 15 26.66 4.94 17.05
CA PRO E 15 26.05 5.23 18.35
C PRO E 15 26.64 6.50 18.95
N PRO E 16 25.83 7.32 19.61
CA PRO E 16 26.37 8.47 20.33
C PRO E 16 27.27 8.02 21.48
N ASN E 17 28.16 8.91 21.89
CA ASN E 17 29.03 8.59 23.01
C ASN E 17 28.27 8.70 24.33
N ASP E 18 28.78 8.01 25.34
CA ASP E 18 28.23 7.98 26.69
C ASP E 18 26.88 7.28 26.75
N TYR E 19 26.66 6.30 25.88
CA TYR E 19 25.40 5.54 25.87
C TYR E 19 25.70 4.07 25.74
N TRP E 20 25.19 3.28 26.68
CA TRP E 20 25.23 1.83 26.60
C TRP E 20 24.19 1.34 25.61
N LEU E 21 24.63 0.50 24.67
CA LEU E 21 23.73 -0.29 23.85
C LEU E 21 23.60 -1.65 24.50
N LEU E 22 22.38 -1.98 24.93
CA LEU E 22 22.06 -3.26 25.54
C LEU E 22 21.41 -4.13 24.46
N ILE E 23 22.19 -5.03 23.88
CA ILE E 23 21.77 -5.84 22.75
C ILE E 23 21.29 -7.19 23.25
N SER E 24 20.06 -7.56 22.86
CA SER E 24 19.39 -8.77 23.34
C SER E 24 19.50 -9.84 22.26
N SER E 25 20.41 -10.79 22.47
CA SER E 25 20.69 -11.83 21.49
C SER E 25 19.62 -12.91 21.58
N ASN E 26 19.12 -13.33 20.41
CA ASN E 26 18.01 -14.27 20.35
C ASN E 26 18.42 -15.66 19.87
N THR E 27 19.60 -15.82 19.28
CA THR E 27 20.00 -17.08 18.68
C THR E 27 21.51 -17.06 18.48
N ASP E 28 22.05 -18.20 18.02
CA ASP E 28 23.46 -18.32 17.74
C ASP E 28 23.85 -17.51 16.51
N GLY E 29 25.14 -17.21 16.40
CA GLY E 29 25.69 -16.48 15.29
C GLY E 29 26.18 -15.09 15.69
N VAL E 30 26.29 -14.21 14.70
CA VAL E 30 26.83 -12.88 14.95
C VAL E 30 25.78 -12.02 15.62
N VAL E 31 26.15 -11.40 16.74
CA VAL E 31 25.26 -10.47 17.45
C VAL E 31 25.43 -9.05 16.93
N TYR E 32 26.68 -8.60 16.74
CA TYR E 32 26.94 -7.29 16.16
C TYR E 32 28.36 -7.25 15.63
N GLU E 33 28.59 -6.32 14.71
CA GLU E 33 29.92 -6.03 14.19
C GLU E 33 30.17 -4.54 14.32
N SER E 34 31.27 -4.16 14.94
CA SER E 34 31.56 -2.75 15.17
C SER E 34 32.98 -2.42 14.73
N THR E 35 33.13 -1.27 14.07
CA THR E 35 34.46 -0.87 13.62
C THR E 35 34.46 0.61 13.26
N ASN E 36 35.66 1.18 13.26
CA ASN E 36 35.92 2.52 12.76
C ASN E 36 36.72 2.49 11.47
N ASN E 37 37.12 1.30 11.02
CA ASN E 37 37.88 1.11 9.78
C ASN E 37 39.25 1.77 9.89
N SER E 38 39.74 1.93 11.13
CA SER E 38 41.01 2.59 11.38
C SER E 38 41.90 1.71 12.26
N ASP E 39 41.51 1.53 13.52
CA ASP E 39 42.28 0.71 14.44
C ASP E 39 41.45 -0.21 15.32
N PHE E 40 40.12 -0.19 15.21
CA PHE E 40 39.27 -0.97 16.11
C PHE E 40 38.30 -1.82 15.29
N TRP E 41 38.38 -3.13 15.47
CA TRP E 41 37.43 -4.09 14.89
C TRP E 41 37.00 -5.04 15.99
N THR E 42 35.69 -5.11 16.24
CA THR E 42 35.15 -6.07 17.20
C THR E 42 33.84 -6.65 16.67
N ALA E 43 33.70 -7.97 16.78
CA ALA E 43 32.45 -8.65 16.51
C ALA E 43 32.20 -9.68 17.60
N VAL E 44 30.95 -9.85 17.98
CA VAL E 44 30.57 -10.78 19.04
C VAL E 44 29.77 -11.92 18.43
N ILE E 45 30.12 -13.14 18.78
CA ILE E 45 29.44 -14.33 18.27
C ILE E 45 28.83 -15.09 19.45
N ALA E 46 27.56 -15.47 19.31
CA ALA E 46 26.82 -16.18 20.35
C ALA E 46 26.83 -17.67 20.02
N VAL E 47 27.27 -18.47 20.98
CA VAL E 47 27.29 -19.92 20.91
C VAL E 47 26.33 -20.45 21.97
N GLU E 48 25.42 -21.33 21.56
CA GLU E 48 24.43 -21.88 22.47
C GLU E 48 25.10 -22.86 23.43
N PRO E 49 24.51 -23.07 24.62
CA PRO E 49 25.15 -23.95 25.61
C PRO E 49 25.21 -25.40 25.13
N HIS E 50 26.11 -26.15 25.76
CA HIS E 50 26.30 -27.58 25.52
C HIS E 50 26.58 -27.85 24.05
N VAL E 51 27.64 -27.20 23.56
CA VAL E 51 28.14 -27.38 22.19
C VAL E 51 29.55 -27.92 22.30
N SER E 52 29.74 -29.17 21.90
CA SER E 52 31.08 -29.75 21.88
C SER E 52 31.92 -29.05 20.81
N GLN E 53 33.24 -29.17 20.97
CA GLN E 53 34.18 -28.43 20.12
C GLN E 53 33.89 -28.66 18.65
N THR E 54 33.60 -27.57 17.94
CA THR E 54 33.30 -27.64 16.52
C THR E 54 33.85 -26.37 15.87
N ASN E 55 33.80 -26.34 14.55
CA ASN E 55 34.19 -25.17 13.78
C ASN E 55 32.97 -24.66 13.04
N ARG E 56 32.70 -23.36 13.18
CA ARG E 56 31.55 -22.75 12.53
C ARG E 56 31.99 -21.54 11.72
N GLN E 57 31.17 -21.17 10.74
CA GLN E 57 31.44 -20.03 9.88
C GLN E 57 30.60 -18.84 10.30
N TYR E 58 31.23 -17.67 10.34
CA TYR E 58 30.57 -16.40 10.60
C TYR E 58 31.05 -15.38 9.57
N VAL E 59 30.16 -14.48 9.18
CA VAL E 59 30.53 -13.40 8.27
C VAL E 59 30.85 -12.18 9.12
N LEU E 60 32.13 -11.79 9.12
CA LEU E 60 32.63 -10.65 9.86
C LEU E 60 33.10 -9.61 8.86
N PHE E 61 32.41 -8.46 8.83
CA PHE E 61 32.79 -7.34 7.98
C PHE E 61 32.91 -7.76 6.52
N GLY E 62 32.00 -8.64 6.09
CA GLY E 62 31.96 -9.10 4.72
C GLY E 62 32.85 -10.29 4.40
N GLU E 63 33.67 -10.74 5.35
CA GLU E 63 34.57 -11.87 5.12
C GLU E 63 34.05 -13.09 5.86
N ASN E 64 34.04 -14.24 5.20
CA ASN E 64 33.71 -15.49 5.87
C ASN E 64 34.89 -15.94 6.72
N LYS E 65 34.61 -16.36 7.95
CA LYS E 65 35.65 -16.71 8.91
C LYS E 65 35.22 -17.97 9.67
N GLN E 66 36.10 -18.96 9.68
CA GLN E 66 35.90 -20.16 10.47
C GLN E 66 36.49 -19.95 11.86
N PHE E 67 35.73 -20.36 12.87
CA PHE E 67 36.19 -20.25 14.26
C PHE E 67 35.91 -21.56 15.00
N ASN E 68 36.84 -21.92 15.88
CA ASN E 68 36.68 -23.07 16.76
C ASN E 68 35.95 -22.63 18.02
N VAL E 69 34.75 -23.17 18.22
CA VAL E 69 33.89 -22.79 19.32
C VAL E 69 33.46 -24.04 20.08
N GLU E 70 33.44 -23.93 21.40
CA GLU E 70 32.95 -24.98 22.28
C GLU E 70 32.31 -24.30 23.48
N ASN E 71 31.16 -24.82 23.91
CA ASN E 71 30.49 -24.29 25.09
C ASN E 71 30.07 -25.48 25.96
N SER E 72 30.83 -25.74 27.01
CA SER E 72 30.55 -26.85 27.91
C SER E 72 29.64 -26.41 29.05
N SER E 73 29.34 -25.12 29.13
CA SER E 73 28.48 -24.53 30.14
C SER E 73 27.01 -24.79 29.83
N ASP E 74 26.17 -24.54 30.84
CA ASP E 74 24.74 -24.54 30.67
C ASP E 74 24.20 -23.18 30.26
N LYS E 75 25.03 -22.15 30.30
CA LYS E 75 24.70 -20.79 29.89
C LYS E 75 25.14 -20.53 28.46
N TRP E 76 24.61 -19.47 27.88
CA TRP E 76 25.04 -19.04 26.56
C TRP E 76 26.42 -18.37 26.64
N LYS E 77 27.19 -18.47 25.58
CA LYS E 77 28.50 -17.83 25.54
C LYS E 77 28.55 -16.81 24.42
N PHE E 78 29.18 -15.67 24.69
CA PHE E 78 29.29 -14.59 23.72
C PHE E 78 30.76 -14.21 23.62
N PHE E 79 31.37 -14.54 22.48
CA PHE E 79 32.79 -14.36 22.28
C PHE E 79 33.04 -13.05 21.54
N GLU E 80 33.84 -12.17 22.17
CA GLU E 80 34.28 -10.91 21.61
C GLU E 80 35.56 -11.16 20.84
N MET E 81 35.44 -11.19 19.51
CA MET E 81 36.56 -11.27 18.59
C MET E 81 37.01 -9.86 18.23
N PHE E 82 38.32 -9.65 18.20
CA PHE E 82 38.91 -8.33 18.06
C PHE E 82 40.10 -8.37 17.12
N LYS E 83 40.29 -7.27 16.39
CA LYS E 83 41.52 -7.05 15.64
C LYS E 83 41.75 -5.55 15.52
N GLY E 84 43.03 -5.16 15.53
CA GLY E 84 43.39 -3.76 15.63
C GLY E 84 43.93 -3.11 14.37
N SER E 85 43.98 -3.86 13.28
CA SER E 85 44.43 -3.30 12.01
C SER E 85 43.73 -4.03 10.86
N SER E 86 43.77 -3.41 9.69
CA SER E 86 43.17 -4.01 8.50
C SER E 86 43.76 -5.39 8.22
N GLN E 87 45.07 -5.53 8.34
CA GLN E 87 45.77 -6.75 7.97
C GLN E 87 45.81 -7.80 9.07
N SER E 88 45.31 -7.47 10.26
CA SER E 88 45.43 -8.40 11.38
C SER E 88 44.41 -9.52 11.27
N ASP E 89 44.58 -10.52 12.14
CA ASP E 89 43.62 -11.59 12.31
C ASP E 89 42.79 -11.35 13.56
N PHE E 90 41.62 -11.96 13.60
CA PHE E 90 40.75 -11.79 14.75
C PHE E 90 41.21 -12.64 15.92
N SER E 91 40.97 -12.13 17.13
CA SER E 91 41.40 -12.75 18.36
C SER E 91 40.24 -12.83 19.32
N ASN E 92 40.21 -13.90 20.12
CA ASN E 92 39.14 -14.05 21.12
C ASN E 92 39.57 -13.20 22.31
N ARG E 93 39.27 -11.91 22.21
CA ARG E 93 39.66 -10.98 23.27
C ARG E 93 38.85 -11.22 24.53
N ARG E 94 37.55 -11.48 24.40
CA ARG E 94 36.74 -11.56 25.61
C ARG E 94 35.64 -12.59 25.49
N THR E 95 35.13 -13.03 26.62
CA THR E 95 33.99 -13.93 26.66
C THR E 95 33.00 -13.45 27.72
N LEU E 96 31.71 -13.52 27.40
CA LEU E 96 30.64 -13.26 28.35
C LEU E 96 29.77 -14.50 28.44
N THR E 97 29.75 -15.14 29.61
CA THR E 97 28.96 -16.34 29.84
C THR E 97 27.71 -15.94 30.62
N SER E 98 26.55 -16.03 29.97
CA SER E 98 25.33 -15.49 30.55
C SER E 98 24.13 -16.33 30.11
N ASN E 99 23.19 -16.49 31.02
CA ASN E 99 21.88 -17.04 30.70
C ASN E 99 20.89 -15.95 30.28
N ASN E 100 21.16 -14.70 30.63
CA ASN E 100 20.28 -13.59 30.27
C ASN E 100 20.41 -13.20 28.80
N ARG E 101 21.52 -13.60 28.16
CA ARG E 101 21.71 -13.40 26.71
C ARG E 101 21.65 -11.92 26.33
N LEU E 102 22.25 -11.07 27.16
CA LEU E 102 22.33 -9.64 26.90
C LEU E 102 23.80 -9.22 26.89
N VAL E 103 24.20 -8.51 25.84
CA VAL E 103 25.54 -7.95 25.75
C VAL E 103 25.43 -6.43 25.73
N GLY E 104 26.56 -5.76 25.96
CA GLY E 104 26.53 -4.32 26.06
C GLY E 104 27.76 -3.61 25.53
N MET E 105 27.57 -2.49 24.84
CA MET E 105 28.69 -1.74 24.30
C MET E 105 28.52 -0.25 24.56
N LEU E 106 29.58 0.40 25.03
CA LEU E 106 29.60 1.82 25.38
C LEU E 106 30.80 2.51 24.76
N LYS E 107 30.57 3.62 24.09
CA LYS E 107 31.67 4.46 23.61
C LYS E 107 31.83 5.62 24.59
N TYR E 108 32.98 5.70 25.26
CA TYR E 108 33.18 6.76 26.21
C TYR E 108 34.68 6.95 26.47
N GLY E 109 35.08 8.21 26.64
CA GLY E 109 36.43 8.56 27.02
C GLY E 109 37.52 7.91 26.19
N GLY E 110 37.36 7.95 24.87
CA GLY E 110 38.36 7.36 24.00
C GLY E 110 38.52 5.87 24.11
N ARG E 111 37.52 5.18 24.66
CA ARG E 111 37.57 3.73 24.79
C ARG E 111 36.20 3.15 24.48
N VAL E 112 36.21 1.86 24.14
CA VAL E 112 34.99 1.08 23.98
C VAL E 112 34.89 0.13 25.17
N TRP E 113 33.75 0.14 25.84
CA TRP E 113 33.54 -0.65 27.04
C TRP E 113 32.50 -1.73 26.76
N THR E 114 32.77 -2.95 27.26
CA THR E 114 31.84 -4.06 27.11
C THR E 114 31.81 -4.84 28.41
N PHE E 115 30.86 -5.77 28.51
CA PHE E 115 30.74 -6.62 29.69
C PHE E 115 31.38 -7.98 29.40
N HIS E 116 32.18 -8.46 30.35
CA HIS E 116 32.79 -9.78 30.26
C HIS E 116 32.68 -10.45 31.63
N GLY E 117 33.03 -11.73 31.65
CA GLY E 117 32.86 -12.55 32.83
C GLY E 117 31.62 -13.41 32.75
N GLU E 118 31.22 -13.92 33.91
CA GLU E 118 30.06 -14.80 34.03
C GLU E 118 29.02 -14.16 34.94
N THR E 119 27.78 -14.11 34.46
CA THR E 119 26.69 -13.60 35.27
C THR E 119 26.51 -14.46 36.52
N PRO E 120 26.11 -13.86 37.65
CA PRO E 120 25.75 -12.46 37.81
C PRO E 120 26.90 -11.55 38.25
N ARG E 121 28.13 -11.94 37.93
CA ARG E 121 29.31 -11.18 38.34
C ARG E 121 30.08 -10.64 37.14
N ALA E 122 29.39 -10.33 36.05
CA ALA E 122 30.05 -9.77 34.88
C ALA E 122 30.39 -8.30 35.12
N THR E 123 31.57 -7.89 34.68
CA THR E 123 32.06 -6.53 34.89
C THR E 123 32.38 -5.89 33.55
N THR E 124 32.75 -4.60 33.60
CA THR E 124 33.11 -3.87 32.39
C THR E 124 34.60 -3.98 32.13
N ASP E 125 34.96 -3.98 30.84
CA ASP E 125 36.34 -3.94 30.40
C ASP E 125 36.42 -3.06 29.14
N SER E 126 37.60 -2.51 28.91
CA SER E 126 37.77 -1.48 27.90
C SER E 126 38.76 -1.89 26.81
N SER E 127 38.56 -1.31 25.63
CA SER E 127 39.42 -1.46 24.47
C SER E 127 39.82 -0.08 24.01
N ASN E 128 41.13 0.13 23.84
CA ASN E 128 41.65 1.45 23.45
C ASN E 128 41.46 1.70 21.96
N THR E 129 41.13 2.95 21.63
CA THR E 129 41.05 3.40 20.26
C THR E 129 41.53 4.84 20.18
N ALA E 130 42.13 5.19 19.05
CA ALA E 130 42.51 6.56 18.76
C ALA E 130 41.48 7.29 17.90
N ASP E 131 40.40 6.61 17.51
CA ASP E 131 39.35 7.19 16.68
C ASP E 131 37.99 6.66 17.15
N LEU E 132 37.53 7.18 18.29
CA LEU E 132 36.23 6.77 18.82
C LEU E 132 35.08 7.34 18.00
N ASN E 133 35.27 8.53 17.42
CA ASN E 133 34.17 9.22 16.74
C ASN E 133 33.71 8.51 15.47
N ASN E 134 34.56 7.68 14.87
CA ASN E 134 34.22 7.03 13.61
C ASN E 134 33.81 5.58 13.80
N ILE E 135 33.64 5.13 15.04
CA ILE E 135 33.18 3.77 15.29
C ILE E 135 31.68 3.69 15.05
N SER E 136 31.28 2.76 14.20
CA SER E 136 29.88 2.46 13.96
C SER E 136 29.65 0.98 14.26
N ILE E 137 28.37 0.58 14.20
CA ILE E 137 27.98 -0.77 14.59
C ILE E 137 26.83 -1.23 13.72
N ILE E 138 26.90 -2.49 13.29
CA ILE E 138 25.76 -3.24 12.76
C ILE E 138 25.26 -4.12 13.90
N ILE E 139 24.09 -3.81 14.42
CA ILE E 139 23.45 -4.62 15.44
C ILE E 139 22.50 -5.59 14.75
N HIS E 140 22.75 -6.89 14.91
CA HIS E 140 21.91 -7.90 14.28
C HIS E 140 20.67 -8.25 15.08
N SER E 141 20.60 -7.85 16.34
CA SER E 141 19.50 -8.17 17.22
C SER E 141 18.87 -6.87 17.73
N GLU E 142 17.67 -6.99 18.30
CA GLU E 142 17.03 -5.84 18.90
C GLU E 142 17.85 -5.36 20.10
N PHE E 143 17.75 -4.06 20.39
CA PHE E 143 18.62 -3.48 21.41
C PHE E 143 17.92 -2.32 22.11
N TYR E 144 18.51 -1.90 23.21
CA TYR E 144 18.03 -0.80 24.04
C TYR E 144 19.17 0.19 24.24
N ILE E 145 18.82 1.41 24.65
CA ILE E 145 19.77 2.49 24.89
C ILE E 145 19.62 2.93 26.34
N ILE E 146 20.70 2.84 27.11
CA ILE E 146 20.73 3.28 28.50
C ILE E 146 21.85 4.29 28.65
N PRO E 147 21.60 5.48 29.19
CA PRO E 147 22.68 6.46 29.35
C PRO E 147 23.71 5.95 30.35
N ARG E 148 24.97 6.41 30.17
CA ARG E 148 26.05 5.92 31.02
C ARG E 148 25.82 6.26 32.49
N SER E 149 25.10 7.36 32.77
CA SER E 149 24.79 7.69 34.15
C SER E 149 23.94 6.63 34.83
N GLN E 150 23.33 5.74 34.06
CA GLN E 150 22.56 4.62 34.59
C GLN E 150 23.26 3.28 34.33
N GLU E 151 24.59 3.30 34.20
CA GLU E 151 25.34 2.08 33.92
C GLU E 151 25.05 0.99 34.93
N SER E 152 24.96 1.35 36.22
CA SER E 152 24.63 0.38 37.25
C SER E 152 23.38 -0.42 36.86
N LYS E 153 22.32 0.29 36.47
CA LYS E 153 21.10 -0.40 36.04
C LYS E 153 21.39 -1.33 34.87
N CYS E 154 22.11 -0.82 33.87
CA CYS E 154 22.54 -1.67 32.77
C CYS E 154 23.24 -2.92 33.29
N ASN E 155 24.21 -2.72 34.19
CA ASN E 155 24.87 -3.85 34.84
C ASN E 155 23.86 -4.87 35.33
N GLU E 156 22.89 -4.42 36.13
CA GLU E 156 21.87 -5.32 36.67
C GLU E 156 21.23 -6.13 35.56
N TYR E 157 20.74 -5.47 34.51
CA TYR E 157 20.12 -6.20 33.42
C TYR E 157 21.07 -7.24 32.86
N ILE E 158 22.29 -6.83 32.52
CA ILE E 158 23.30 -7.75 32.00
C ILE E 158 23.41 -8.96 32.90
N ASN E 159 23.48 -8.73 34.21
CA ASN E 159 23.74 -9.82 35.14
C ASN E 159 22.47 -10.54 35.57
N ASN E 160 21.30 -9.93 35.40
CA ASN E 160 20.10 -10.52 36.00
C ASN E 160 18.90 -10.54 35.05
N GLY E 161 19.02 -9.99 33.85
CA GLY E 161 17.89 -9.99 32.94
C GLY E 161 16.76 -9.09 33.44
N LEU E 162 15.59 -9.31 32.85
CA LEU E 162 14.40 -8.55 33.21
C LEU E 162 13.68 -9.18 34.39
N SER F 2 55.00 3.07 4.20
CA SER F 2 54.96 2.39 2.91
C SER F 2 56.02 1.30 2.83
N GLN F 3 56.17 0.55 3.92
CA GLN F 3 57.24 -0.44 4.06
C GLN F 3 57.08 -1.63 3.11
N PRO F 4 55.88 -2.20 2.92
CA PRO F 4 55.76 -3.30 1.96
C PRO F 4 55.79 -2.78 0.52
N VAL F 5 56.21 -3.66 -0.38
CA VAL F 5 56.35 -3.35 -1.80
C VAL F 5 55.69 -4.46 -2.61
N LEU F 6 54.81 -4.09 -3.52
CA LEU F 6 54.11 -5.05 -4.37
C LEU F 6 54.76 -5.07 -5.75
N THR F 7 55.14 -6.26 -6.21
CA THR F 7 55.80 -6.43 -7.49
C THR F 7 54.88 -7.19 -8.44
N GLN F 8 54.57 -6.57 -9.58
CA GLN F 8 53.79 -7.13 -10.66
C GLN F 8 54.60 -7.09 -11.96
N PRO F 9 54.51 -8.11 -12.79
CA PRO F 9 55.11 -8.04 -14.13
C PRO F 9 54.42 -7.00 -14.97
N PRO F 10 55.17 -6.21 -15.76
CA PRO F 10 54.53 -5.17 -16.56
C PRO F 10 53.53 -5.69 -17.57
N SER F 11 53.82 -6.82 -18.20
CA SER F 11 53.04 -7.31 -19.33
C SER F 11 52.66 -8.77 -19.12
N ALA F 12 51.63 -9.20 -19.83
CA ALA F 12 51.17 -10.59 -19.80
C ALA F 12 50.39 -10.86 -21.07
N SER F 13 50.43 -12.11 -21.51
CA SER F 13 49.82 -12.49 -22.78
C SER F 13 49.23 -13.90 -22.67
N ALA F 14 48.00 -14.06 -23.13
CA ALA F 14 47.34 -15.36 -23.15
C ALA F 14 46.55 -15.49 -24.44
N SER F 15 46.45 -16.71 -24.95
CA SER F 15 45.61 -16.98 -26.10
C SER F 15 44.18 -17.22 -25.66
N LEU F 16 43.23 -16.81 -26.51
CA LEU F 16 41.81 -16.91 -26.18
C LEU F 16 41.42 -18.35 -25.86
N GLY F 17 40.65 -18.52 -24.78
CA GLY F 17 40.23 -19.83 -24.32
C GLY F 17 41.21 -20.56 -23.43
N ALA F 18 42.43 -20.05 -23.28
CA ALA F 18 43.44 -20.67 -22.43
C ALA F 18 43.28 -20.15 -21.01
N SER F 19 44.27 -20.44 -20.16
CA SER F 19 44.32 -19.94 -18.79
C SER F 19 45.58 -19.13 -18.59
N VAL F 20 45.52 -18.15 -17.68
CA VAL F 20 46.68 -17.33 -17.37
C VAL F 20 46.63 -16.98 -15.89
N THR F 21 47.81 -16.83 -15.29
CA THR F 21 47.93 -16.47 -13.88
C THR F 21 48.75 -15.20 -13.75
N LEU F 22 48.14 -14.15 -13.21
CA LEU F 22 48.83 -12.92 -12.87
C LEU F 22 49.28 -12.99 -11.41
N THR F 23 50.45 -12.43 -11.14
CA THR F 23 51.08 -12.56 -9.84
C THR F 23 51.38 -11.19 -9.23
N CYS F 24 51.07 -11.05 -7.95
CA CYS F 24 51.43 -9.92 -7.12
C CYS F 24 52.29 -10.48 -5.99
N THR F 25 53.57 -10.11 -5.96
CA THR F 25 54.48 -10.66 -4.97
C THR F 25 54.81 -9.59 -3.93
N LEU F 26 54.64 -9.94 -2.66
CA LEU F 26 54.90 -9.05 -1.55
C LEU F 26 56.37 -9.08 -1.17
N SER F 27 56.89 -7.93 -0.74
CA SER F 27 58.28 -7.89 -0.30
C SER F 27 58.44 -8.67 1.00
N SER F 28 59.68 -8.97 1.34
CA SER F 28 59.99 -9.87 2.45
C SER F 28 59.39 -9.36 3.76
N GLY F 29 58.82 -10.28 4.53
CA GLY F 29 58.25 -9.98 5.83
C GLY F 29 56.78 -9.64 5.86
N TYR F 30 56.07 -9.80 4.74
CA TYR F 30 54.66 -9.45 4.64
C TYR F 30 53.84 -10.63 4.13
N SER F 31 54.18 -11.83 4.58
CA SER F 31 53.45 -13.03 4.15
C SER F 31 52.01 -13.02 4.67
N ASN F 32 51.74 -12.34 5.78
CA ASN F 32 50.39 -12.32 6.34
C ASN F 32 49.45 -11.44 5.53
N TYR F 33 49.97 -10.51 4.74
CA TYR F 33 49.14 -9.48 4.12
C TYR F 33 48.23 -10.04 3.03
N LYS F 34 47.01 -9.50 2.97
CA LYS F 34 46.06 -9.71 1.89
C LYS F 34 46.12 -8.53 0.92
N VAL F 35 46.03 -8.85 -0.37
CA VAL F 35 46.04 -7.85 -1.43
C VAL F 35 44.70 -7.89 -2.13
N ASP F 36 44.39 -6.78 -2.79
CA ASP F 36 43.18 -6.59 -3.57
C ASP F 36 43.56 -6.51 -5.03
N TRP F 37 42.82 -7.23 -5.87
CA TRP F 37 42.98 -7.23 -7.31
C TRP F 37 41.89 -6.37 -7.91
N TYR F 38 42.29 -5.47 -8.82
CA TYR F 38 41.42 -4.57 -9.56
C TYR F 38 41.67 -4.76 -11.06
N GLN F 39 40.62 -4.63 -11.85
CA GLN F 39 40.67 -4.75 -13.30
C GLN F 39 40.33 -3.42 -13.93
N GLN F 40 41.25 -2.88 -14.73
CA GLN F 40 41.04 -1.66 -15.50
C GLN F 40 40.78 -2.07 -16.94
N ARG F 41 39.51 -2.04 -17.33
CA ARG F 41 39.09 -2.40 -18.68
C ARG F 41 39.57 -1.34 -19.68
N PRO F 42 39.63 -1.69 -20.97
CA PRO F 42 40.02 -0.71 -21.99
C PRO F 42 39.10 0.50 -21.95
N GLY F 43 39.70 1.68 -21.76
CA GLY F 43 38.93 2.91 -21.71
C GLY F 43 38.09 3.09 -20.48
N LYS F 44 38.40 2.39 -19.39
CA LYS F 44 37.67 2.51 -18.14
C LYS F 44 38.67 2.70 -17.01
N GLY F 45 38.14 2.92 -15.80
CA GLY F 45 38.95 2.98 -14.61
C GLY F 45 39.01 1.63 -13.94
N PRO F 46 39.71 1.53 -12.82
CA PRO F 46 39.77 0.27 -12.10
C PRO F 46 38.44 -0.07 -11.45
N ARG F 47 38.17 -1.38 -11.35
CA ARG F 47 37.01 -1.90 -10.64
C ARG F 47 37.47 -3.08 -9.80
N PHE F 48 36.84 -3.25 -8.64
CA PHE F 48 37.26 -4.30 -7.72
C PHE F 48 37.02 -5.68 -8.31
N VAL F 49 38.00 -6.56 -8.11
CA VAL F 49 37.94 -7.94 -8.58
C VAL F 49 37.87 -8.86 -7.38
N MET F 50 38.98 -9.02 -6.66
CA MET F 50 38.97 -9.99 -5.56
C MET F 50 40.02 -9.65 -4.52
N ARG F 51 39.90 -10.26 -3.34
CA ARG F 51 40.89 -10.11 -2.27
C ARG F 51 41.42 -11.46 -1.85
N VAL F 52 42.74 -11.55 -1.63
CA VAL F 52 43.37 -12.79 -1.17
C VAL F 52 44.47 -12.57 -0.13
N GLY F 53 44.72 -13.62 0.64
CA GLY F 53 45.84 -13.73 1.55
C GLY F 53 46.59 -15.02 1.27
N THR F 54 46.70 -15.89 2.26
CA THR F 54 47.32 -17.19 2.07
C THR F 54 46.27 -18.29 2.01
N GLY F 55 45.00 -17.93 2.02
CA GLY F 55 43.86 -18.82 1.84
C GLY F 55 43.26 -18.67 0.47
N GLY F 56 41.95 -18.72 0.39
CA GLY F 56 41.25 -18.50 -0.86
C GLY F 56 40.73 -17.08 -0.97
N ILE F 57 39.56 -16.94 -1.60
CA ILE F 57 38.97 -15.62 -1.77
C ILE F 57 38.55 -15.07 -0.43
N VAL F 58 38.71 -13.75 -0.25
CA VAL F 58 38.28 -13.05 0.95
C VAL F 58 37.15 -12.11 0.56
N GLY F 59 35.96 -12.36 1.09
CA GLY F 59 34.81 -11.52 0.79
C GLY F 59 34.18 -11.88 -0.55
N SER F 60 33.27 -11.02 -0.97
CA SER F 60 32.59 -11.21 -2.25
C SER F 60 33.50 -10.80 -3.41
N LYS F 61 33.18 -11.33 -4.59
CA LYS F 61 33.99 -11.05 -5.77
C LYS F 61 33.64 -9.74 -6.45
N GLY F 62 32.64 -9.00 -5.98
CA GLY F 62 32.33 -7.73 -6.60
C GLY F 62 31.70 -7.84 -7.97
N ASP F 63 30.97 -6.81 -8.38
CA ASP F 63 30.02 -6.94 -9.47
C ASP F 63 30.73 -7.11 -10.81
N GLY F 64 30.20 -8.01 -11.64
CA GLY F 64 30.65 -8.17 -13.00
C GLY F 64 31.80 -9.13 -13.22
N ILE F 65 32.35 -9.71 -12.15
CA ILE F 65 33.50 -10.60 -12.28
C ILE F 65 32.97 -12.01 -12.56
N ALA F 66 33.40 -12.58 -13.69
CA ALA F 66 32.93 -13.90 -14.09
C ALA F 66 33.50 -14.97 -13.15
N ASP F 67 32.80 -16.11 -13.09
CA ASP F 67 33.31 -17.23 -12.32
C ASP F 67 34.51 -17.91 -12.99
N ARG F 68 34.92 -17.45 -14.17
CA ARG F 68 36.20 -17.87 -14.72
C ARG F 68 37.37 -17.32 -13.91
N PHE F 69 37.15 -16.25 -13.17
CA PHE F 69 38.18 -15.64 -12.34
C PHE F 69 38.25 -16.37 -11.01
N SER F 70 39.45 -16.77 -10.62
CA SER F 70 39.74 -17.35 -9.32
C SER F 70 40.98 -16.68 -8.79
N VAL F 71 41.40 -17.06 -7.59
CA VAL F 71 42.36 -16.25 -6.87
C VAL F 71 42.92 -17.07 -5.71
N SER F 72 44.24 -16.97 -5.50
CA SER F 72 44.92 -17.82 -4.53
C SER F 72 46.14 -17.09 -3.98
N GLY F 73 46.79 -17.70 -2.99
CA GLY F 73 47.90 -17.07 -2.32
C GLY F 73 48.77 -18.09 -1.63
N SER F 74 50.07 -17.79 -1.55
CA SER F 74 51.04 -18.67 -0.90
C SER F 74 52.31 -17.87 -0.64
N GLY F 75 52.80 -17.92 0.60
CA GLY F 75 54.03 -17.21 0.91
C GLY F 75 53.89 -15.72 0.65
N LEU F 76 54.78 -15.19 -0.19
CA LEU F 76 54.75 -13.80 -0.59
C LEU F 76 54.05 -13.58 -1.93
N ASN F 77 53.51 -14.63 -2.54
CA ASN F 77 52.85 -14.55 -3.83
C ASN F 77 51.34 -14.58 -3.68
N ARG F 78 50.67 -13.77 -4.49
CA ARG F 78 49.22 -13.76 -4.63
C ARG F 78 48.89 -13.85 -6.11
N SER F 79 47.90 -14.66 -6.47
CA SER F 79 47.66 -14.99 -7.86
C SER F 79 46.20 -14.75 -8.21
N LEU F 80 45.99 -14.10 -9.35
CA LEU F 80 44.68 -14.00 -9.98
C LEU F 80 44.73 -14.88 -11.22
N THR F 81 43.91 -15.93 -11.25
CA THR F 81 43.92 -16.88 -12.36
C THR F 81 42.64 -16.72 -13.16
N ILE F 82 42.77 -16.61 -14.48
CA ILE F 82 41.64 -16.49 -15.38
C ILE F 82 41.65 -17.68 -16.32
N LYS F 83 40.54 -18.41 -16.36
CA LYS F 83 40.37 -19.60 -17.18
C LYS F 83 39.46 -19.25 -18.35
N ASN F 84 39.63 -19.96 -19.46
CA ASN F 84 38.79 -19.79 -20.65
C ASN F 84 38.79 -18.32 -21.07
N ILE F 85 39.99 -17.83 -21.36
CA ILE F 85 40.21 -16.40 -21.62
C ILE F 85 39.23 -15.92 -22.67
N GLN F 86 38.52 -14.84 -22.35
CA GLN F 86 37.67 -14.13 -23.29
C GLN F 86 38.38 -12.83 -23.69
N GLU F 87 37.99 -12.29 -24.86
CA GLU F 87 38.61 -11.05 -25.30
C GLU F 87 38.29 -9.90 -24.37
N GLU F 88 37.17 -9.96 -23.66
CA GLU F 88 36.85 -8.93 -22.68
C GLU F 88 37.78 -8.98 -21.47
N ASP F 89 38.52 -10.08 -21.28
CA ASP F 89 39.46 -10.17 -20.17
C ASP F 89 40.73 -9.39 -20.41
N GLU F 90 40.96 -8.92 -21.63
CA GLU F 90 42.12 -8.08 -21.92
C GLU F 90 41.98 -6.76 -21.16
N SER F 91 42.92 -6.48 -20.27
CA SER F 91 42.77 -5.36 -19.34
C SER F 91 44.07 -5.16 -18.59
N ASP F 92 44.19 -4.02 -17.94
CA ASP F 92 45.24 -3.86 -16.96
C ASP F 92 44.74 -4.39 -15.62
N TYR F 93 45.65 -4.96 -14.84
CA TYR F 93 45.29 -5.53 -13.56
C TYR F 93 46.25 -5.01 -12.51
N HIS F 94 45.71 -4.48 -11.41
CA HIS F 94 46.51 -3.90 -10.35
C HIS F 94 46.24 -4.63 -9.05
N CYS F 95 47.28 -4.74 -8.21
CA CYS F 95 47.13 -5.26 -6.86
C CYS F 95 47.51 -4.17 -5.87
N GLY F 96 46.75 -4.11 -4.76
CA GLY F 96 46.99 -3.14 -3.72
C GLY F 96 46.92 -3.81 -2.35
N ALA F 97 47.35 -3.06 -1.33
CA ALA F 97 47.45 -3.65 0.00
C ALA F 97 47.46 -2.55 1.06
N ASP F 98 46.76 -2.83 2.16
CA ASP F 98 46.79 -1.97 3.34
C ASP F 98 48.06 -2.24 4.13
N HIS F 99 48.51 -1.22 4.86
CA HIS F 99 49.63 -1.38 5.77
C HIS F 99 49.50 -0.35 6.88
N GLY F 100 49.74 -0.78 8.09
CA GLY F 100 49.63 0.11 9.22
C GLY F 100 48.21 0.26 9.72
N SER F 101 48.09 1.08 10.76
CA SER F 101 46.82 1.28 11.43
C SER F 101 46.82 2.67 12.02
N GLY F 102 45.65 3.31 12.04
CA GLY F 102 45.57 4.61 12.65
C GLY F 102 46.30 5.68 11.85
N ASP F 103 47.34 6.28 12.46
CA ASP F 103 48.03 7.43 11.89
C ASP F 103 49.18 7.07 10.95
N ASN F 104 49.67 5.82 10.99
CA ASN F 104 50.71 5.39 10.06
C ASN F 104 50.17 4.54 8.92
N PHE F 105 48.85 4.56 8.70
CA PHE F 105 48.28 3.75 7.62
C PHE F 105 48.70 4.28 6.26
N VAL F 106 49.04 3.36 5.36
CA VAL F 106 49.26 3.67 3.96
C VAL F 106 48.65 2.55 3.11
N ARG F 107 48.35 2.89 1.87
CA ARG F 107 47.88 1.95 0.86
C ARG F 107 48.92 1.90 -0.25
N VAL F 108 49.44 0.71 -0.54
CA VAL F 108 50.48 0.57 -1.55
C VAL F 108 49.94 -0.26 -2.70
N PHE F 109 50.44 0.02 -3.90
CA PHE F 109 49.98 -0.65 -5.12
C PHE F 109 51.17 -1.24 -5.87
N GLY F 110 50.88 -2.29 -6.64
CA GLY F 110 51.84 -2.77 -7.62
C GLY F 110 51.90 -1.86 -8.83
N GLY F 111 52.86 -2.17 -9.71
CA GLY F 111 53.06 -1.34 -10.88
C GLY F 111 52.02 -1.51 -11.96
N GLY F 112 51.25 -2.61 -11.91
CA GLY F 112 50.25 -2.88 -12.93
C GLY F 112 50.71 -3.90 -13.95
N THR F 113 49.81 -4.79 -14.38
CA THR F 113 50.09 -5.79 -15.39
C THR F 113 49.10 -5.63 -16.53
N LYS F 114 49.58 -5.23 -17.70
CA LYS F 114 48.75 -5.17 -18.90
C LYS F 114 48.61 -6.56 -19.50
N LEU F 115 47.38 -7.06 -19.61
CA LEU F 115 47.10 -8.38 -20.14
C LEU F 115 46.45 -8.25 -21.52
N THR F 116 47.20 -8.70 -22.54
CA THR F 116 46.74 -8.82 -23.91
C THR F 116 46.24 -10.23 -24.18
N VAL F 117 45.26 -10.33 -25.08
CA VAL F 117 44.63 -11.58 -25.44
C VAL F 117 44.81 -11.75 -26.94
N LEU F 118 45.50 -12.79 -27.36
CA LEU F 118 45.66 -13.01 -28.80
C LEU F 118 44.55 -13.93 -29.30
N GLN F 134 23.45 1.81 -7.50
CA GLN F 134 23.84 1.74 -6.10
C GLN F 134 24.61 3.00 -5.70
N VAL F 135 25.76 2.80 -5.06
CA VAL F 135 26.63 3.92 -4.71
C VAL F 135 27.45 4.30 -5.93
N GLN F 136 27.33 5.55 -6.37
CA GLN F 136 28.03 6.01 -7.56
C GLN F 136 28.82 7.27 -7.23
N LEU F 137 30.06 7.32 -7.71
CA LEU F 137 30.95 8.44 -7.46
C LEU F 137 31.34 9.11 -8.77
N GLN F 138 31.21 10.43 -8.83
CA GLN F 138 31.64 11.21 -10.00
C GLN F 138 32.58 12.32 -9.58
N GLU F 139 33.83 12.23 -10.02
CA GLU F 139 34.86 13.21 -9.76
C GLU F 139 34.81 14.31 -10.82
N SER F 140 35.05 15.54 -10.37
CA SER F 140 35.06 16.70 -11.24
C SER F 140 36.27 17.55 -10.89
N GLY F 141 36.91 18.09 -11.92
CA GLY F 141 38.04 18.97 -11.72
C GLY F 141 38.12 20.06 -12.78
N PRO F 142 39.27 20.74 -12.83
CA PRO F 142 39.47 21.78 -13.85
C PRO F 142 39.96 21.24 -15.18
N GLY F 143 40.35 19.98 -15.24
CA GLY F 143 40.96 19.43 -16.44
C GLY F 143 42.40 19.87 -16.59
N LEU F 144 42.61 21.18 -16.67
CA LEU F 144 43.93 21.76 -16.85
C LEU F 144 44.27 22.67 -15.69
N VAL F 145 45.53 22.61 -15.25
CA VAL F 145 46.00 23.43 -14.14
C VAL F 145 47.44 23.82 -14.42
N LYS F 146 47.82 25.02 -14.00
CA LYS F 146 49.11 25.63 -14.20
C LYS F 146 50.08 25.17 -13.10
N PRO F 147 51.39 25.08 -13.41
CA PRO F 147 52.35 24.64 -12.39
C PRO F 147 52.47 25.62 -11.22
N SER F 148 52.64 25.06 -10.03
CA SER F 148 52.81 25.73 -8.74
C SER F 148 51.49 26.24 -8.17
N GLN F 149 50.37 26.04 -8.86
CA GLN F 149 49.05 26.44 -8.39
C GLN F 149 48.50 25.33 -7.51
N THR F 150 47.29 25.53 -6.96
CA THR F 150 46.66 24.53 -6.11
C THR F 150 45.53 23.88 -6.91
N LEU F 151 45.68 22.59 -7.19
CA LEU F 151 44.60 21.83 -7.81
C LEU F 151 43.48 21.58 -6.81
N SER F 152 42.24 21.77 -7.26
CA SER F 152 41.06 21.54 -6.43
C SER F 152 40.10 20.62 -7.18
N LEU F 153 39.81 19.48 -6.57
CA LEU F 153 38.94 18.46 -7.13
C LEU F 153 37.74 18.24 -6.21
N THR F 154 36.64 17.77 -6.80
CA THR F 154 35.48 17.36 -6.03
C THR F 154 35.02 15.98 -6.51
N CYS F 155 34.19 15.36 -5.68
CA CYS F 155 33.52 14.12 -6.04
C CYS F 155 32.14 14.14 -5.43
N SER F 156 31.14 13.85 -6.26
CA SER F 156 29.76 13.78 -5.84
C SER F 156 29.39 12.33 -5.61
N VAL F 157 28.73 12.06 -4.47
CA VAL F 157 28.29 10.72 -4.08
C VAL F 157 26.77 10.72 -4.04
N SER F 158 26.16 9.71 -4.67
CA SER F 158 24.71 9.65 -4.78
C SER F 158 24.08 8.52 -3.96
N GLY F 159 24.60 7.31 -4.04
CA GLY F 159 23.92 6.15 -3.48
C GLY F 159 23.87 6.09 -1.96
N VAL F 160 24.62 6.93 -1.26
CA VAL F 160 24.66 6.89 0.20
C VAL F 160 24.81 8.31 0.73
N SER F 161 24.47 8.47 2.01
CA SER F 161 24.59 9.75 2.70
C SER F 161 25.92 9.80 3.43
N LEU F 162 26.71 10.85 3.16
CA LEU F 162 28.03 10.94 3.78
C LEU F 162 27.97 11.13 5.29
N SER F 163 26.81 11.51 5.82
CA SER F 163 26.68 11.70 7.27
C SER F 163 26.27 10.41 7.97
N GLY F 164 25.88 9.39 7.21
CA GLY F 164 25.52 8.11 7.81
C GLY F 164 26.66 7.45 8.53
N GLY F 165 27.89 7.70 8.08
CA GLY F 165 29.04 7.03 8.65
C GLY F 165 29.25 5.68 8.00
N SER F 166 30.16 4.91 8.60
CA SER F 166 30.50 3.57 8.11
C SER F 166 31.06 3.62 6.68
N TYR F 167 31.82 4.68 6.38
CA TYR F 167 32.42 4.80 5.06
C TYR F 167 33.73 5.56 5.18
N THR F 168 34.75 5.09 4.46
CA THR F 168 36.01 5.78 4.29
C THR F 168 36.18 6.13 2.82
N TRP F 169 36.55 7.37 2.53
CA TRP F 169 36.61 7.87 1.16
C TRP F 169 38.07 8.08 0.78
N ASN F 170 38.56 7.30 -0.18
CA ASN F 170 39.93 7.35 -0.64
C ASN F 170 40.03 8.12 -1.95
N TRP F 171 41.20 8.69 -2.20
CA TRP F 171 41.57 9.26 -3.47
C TRP F 171 42.79 8.50 -3.99
N ILE F 172 42.78 8.18 -5.28
CA ILE F 172 43.78 7.32 -5.88
C ILE F 172 44.11 7.91 -7.25
N ARG F 173 45.38 8.08 -7.56
CA ARG F 173 45.68 8.68 -8.85
C ARG F 173 46.50 7.72 -9.71
N GLN F 174 46.41 7.93 -11.02
CA GLN F 174 47.17 7.17 -12.01
C GLN F 174 48.04 8.13 -12.80
N PRO F 175 49.32 8.31 -12.40
CA PRO F 175 50.23 9.25 -13.06
C PRO F 175 51.13 8.63 -14.13
N ALA F 176 52.32 9.22 -14.27
CA ALA F 176 53.26 8.89 -15.33
C ALA F 176 53.66 7.42 -15.38
N GLY F 177 53.73 6.74 -14.23
CA GLY F 177 54.13 5.33 -14.27
C GLY F 177 53.14 4.41 -14.95
N LYS F 178 51.85 4.77 -14.93
CA LYS F 178 50.65 4.00 -15.33
C LYS F 178 50.19 3.17 -14.14
N GLY F 179 50.92 3.20 -13.02
CA GLY F 179 50.52 2.48 -11.84
C GLY F 179 49.67 3.31 -10.90
N LEU F 180 48.89 2.62 -10.09
CA LEU F 180 47.99 3.31 -9.16
C LEU F 180 48.77 3.83 -7.96
N GLU F 181 48.41 5.02 -7.50
CA GLU F 181 49.03 5.63 -6.34
C GLU F 181 47.96 6.15 -5.39
N TRP F 182 47.91 5.57 -4.20
CA TRP F 182 47.07 6.10 -3.14
C TRP F 182 47.63 7.44 -2.67
N ILE F 183 46.75 8.43 -2.49
CA ILE F 183 47.15 9.74 -2.02
C ILE F 183 46.57 10.06 -0.64
N GLY F 184 45.35 9.63 -0.36
CA GLY F 184 44.79 9.87 0.97
C GLY F 184 43.41 9.27 1.12
N ARG F 185 42.93 9.31 2.36
CA ARG F 185 41.57 8.90 2.68
C ARG F 185 41.05 9.77 3.84
N ILE F 186 39.72 9.93 3.88
CA ILE F 186 39.05 10.74 4.89
C ILE F 186 37.85 9.98 5.42
N PHE F 187 37.53 10.23 6.69
CA PHE F 187 36.43 9.56 7.39
C PHE F 187 35.26 10.52 7.57
N THR F 188 34.16 9.98 8.10
CA THR F 188 32.95 10.75 8.32
C THR F 188 33.21 11.98 9.19
N SER F 189 34.04 11.82 10.22
CA SER F 189 34.33 12.92 11.14
C SER F 189 35.16 14.02 10.49
N GLY F 190 35.86 13.73 9.40
CA GLY F 190 36.79 14.66 8.79
C GLY F 190 38.24 14.30 9.02
N SER F 191 38.53 13.32 9.87
CA SER F 191 39.89 12.88 10.08
C SER F 191 40.45 12.26 8.80
N THR F 192 41.76 12.41 8.61
CA THR F 192 42.38 12.09 7.33
C THR F 192 43.66 11.31 7.53
N ASN F 193 44.02 10.56 6.50
CA ASN F 193 45.34 9.96 6.34
C ASN F 193 45.86 10.35 4.96
N TYR F 194 47.04 10.95 4.90
CA TYR F 194 47.63 11.38 3.66
C TYR F 194 48.91 10.59 3.38
N ASN F 195 49.16 10.34 2.11
CA ASN F 195 50.41 9.73 1.69
C ASN F 195 51.57 10.63 2.06
N PRO F 196 52.55 10.16 2.84
CA PRO F 196 53.72 11.00 3.14
C PRO F 196 54.51 11.37 1.90
N SER F 197 54.35 10.63 0.81
CA SER F 197 55.07 10.91 -0.43
C SER F 197 54.67 12.27 -0.99
N LEU F 198 53.51 12.79 -0.60
CA LEU F 198 52.96 14.05 -1.06
C LEU F 198 53.33 15.22 -0.15
N LYS F 199 54.16 14.98 0.87
CA LYS F 199 54.56 15.99 1.87
C LYS F 199 53.28 16.51 2.52
N GLY F 200 53.09 17.81 2.65
CA GLY F 200 51.91 18.36 3.29
C GLY F 200 51.02 19.06 2.30
N ARG F 201 51.24 18.87 1.00
CA ARG F 201 50.46 19.58 0.00
C ARG F 201 49.01 19.14 -0.04
N LEU F 202 48.73 17.89 0.32
CA LEU F 202 47.38 17.36 0.18
C LEU F 202 46.52 17.72 1.38
N THR F 203 45.33 18.23 1.10
CA THR F 203 44.29 18.51 2.07
C THR F 203 43.00 17.90 1.55
N MET F 204 42.32 17.12 2.38
CA MET F 204 41.05 16.55 1.98
C MET F 204 39.94 17.02 2.90
N SER F 205 38.75 17.21 2.33
CA SER F 205 37.62 17.72 3.07
C SER F 205 36.37 16.92 2.70
N ILE F 206 35.43 16.88 3.62
CA ILE F 206 34.15 16.21 3.41
C ILE F 206 33.04 17.18 3.81
N ASP F 207 32.05 17.32 2.93
CA ASP F 207 30.87 18.14 3.20
C ASP F 207 29.68 17.17 3.14
N THR F 208 29.28 16.69 4.32
CA THR F 208 28.17 15.75 4.43
C THR F 208 26.86 16.39 4.00
N SER F 209 26.73 17.69 4.17
CA SER F 209 25.50 18.40 3.81
C SER F 209 25.21 18.24 2.32
N LYS F 210 26.25 18.33 1.50
CA LYS F 210 26.12 18.28 0.07
C LYS F 210 26.57 16.94 -0.53
N ASN F 211 26.89 15.96 0.33
CA ASN F 211 27.37 14.66 -0.12
C ASN F 211 28.56 14.83 -1.05
N GLN F 212 29.48 15.72 -0.66
CA GLN F 212 30.58 16.13 -1.52
C GLN F 212 31.92 15.87 -0.84
N LEU F 213 32.88 15.36 -1.60
CA LEU F 213 34.24 15.18 -1.11
C LEU F 213 35.17 16.10 -1.90
N SER F 214 36.11 16.73 -1.22
CA SER F 214 36.96 17.73 -1.86
C SER F 214 38.42 17.41 -1.60
N LEU F 215 39.26 17.85 -2.54
CA LEU F 215 40.70 17.60 -2.51
C LEU F 215 41.39 18.88 -2.94
N ARG F 216 42.40 19.29 -2.18
CA ARG F 216 43.24 20.43 -2.48
C ARG F 216 44.70 19.99 -2.46
N LEU F 217 45.38 20.13 -3.59
CA LEU F 217 46.81 19.81 -3.66
C LEU F 217 47.59 21.07 -4.06
N SER F 218 48.44 21.55 -3.14
CA SER F 218 49.18 22.79 -3.38
C SER F 218 50.51 22.50 -4.09
N SER F 219 51.07 23.56 -4.68
CA SER F 219 52.37 23.51 -5.36
C SER F 219 52.38 22.41 -6.40
N VAL F 220 51.36 22.46 -7.27
CA VAL F 220 51.15 21.43 -8.28
C VAL F 220 52.34 21.39 -9.23
N THR F 221 52.81 20.17 -9.51
CA THR F 221 53.98 19.91 -10.34
C THR F 221 53.57 18.98 -11.48
N ALA F 222 54.37 18.99 -12.55
CA ALA F 222 54.14 18.07 -13.67
C ALA F 222 54.01 16.63 -13.22
N ALA F 223 54.70 16.25 -12.14
CA ALA F 223 54.56 14.90 -11.60
C ALA F 223 53.19 14.65 -10.99
N ASP F 224 52.32 15.66 -10.94
CA ASP F 224 50.95 15.51 -10.46
C ASP F 224 49.94 15.34 -11.60
N THR F 225 50.38 15.46 -12.85
CA THR F 225 49.52 15.14 -13.98
C THR F 225 49.09 13.68 -13.91
N ALA F 226 47.78 13.46 -13.80
CA ALA F 226 47.30 12.10 -13.55
C ALA F 226 45.80 12.08 -13.70
N VAL F 227 45.24 10.87 -13.70
CA VAL F 227 43.79 10.71 -13.58
C VAL F 227 43.46 10.39 -12.12
N TYR F 228 42.59 11.20 -11.52
CA TYR F 228 42.28 11.11 -10.10
C TYR F 228 40.94 10.41 -9.91
N TYR F 229 40.91 9.46 -8.98
CA TYR F 229 39.76 8.62 -8.70
C TYR F 229 39.34 8.77 -7.25
N CYS F 230 38.04 8.81 -7.01
CA CYS F 230 37.51 8.68 -5.66
C CYS F 230 36.96 7.28 -5.48
N VAL F 231 37.26 6.68 -4.32
CA VAL F 231 36.94 5.27 -4.06
C VAL F 231 36.24 5.17 -2.71
N ALA F 232 35.06 4.57 -2.70
CA ALA F 232 34.28 4.37 -1.48
C ALA F 232 34.64 3.03 -0.85
N ASP F 233 34.95 3.05 0.44
CA ASP F 233 35.27 1.84 1.20
C ASP F 233 34.22 1.72 2.31
N TYR F 234 33.34 0.73 2.18
CA TYR F 234 32.31 0.51 3.19
C TYR F 234 32.88 -0.33 4.33
N TYR F 235 32.56 0.07 5.57
CA TYR F 235 33.13 -0.58 6.75
C TYR F 235 32.94 -2.09 6.71
N TYR F 236 31.74 -2.55 6.37
CA TYR F 236 31.34 -3.93 6.55
C TYR F 236 31.29 -4.70 5.23
N SER F 237 32.00 -4.22 4.22
CA SER F 237 32.08 -4.86 2.92
C SER F 237 33.55 -4.92 2.51
N VAL F 238 33.86 -5.88 1.63
CA VAL F 238 35.21 -5.96 1.08
C VAL F 238 35.28 -5.19 -0.25
N PRO F 239 34.41 -5.46 -1.23
CA PRO F 239 34.54 -4.75 -2.51
C PRO F 239 34.32 -3.25 -2.36
N ASP F 240 35.22 -2.47 -2.94
CA ASP F 240 35.09 -1.03 -2.97
C ASP F 240 34.47 -0.57 -4.29
N VAL F 241 34.06 0.69 -4.32
CA VAL F 241 33.41 1.29 -5.50
C VAL F 241 34.24 2.47 -5.96
N TRP F 242 34.44 2.56 -7.28
CA TRP F 242 35.26 3.59 -7.88
C TRP F 242 34.42 4.52 -8.74
N GLY F 243 34.83 5.79 -8.79
CA GLY F 243 34.35 6.66 -9.83
C GLY F 243 35.14 6.45 -11.12
N GLN F 244 34.65 7.04 -12.20
CA GLN F 244 35.34 6.88 -13.47
C GLN F 244 36.56 7.79 -13.59
N GLY F 245 36.78 8.67 -12.62
CA GLY F 245 37.97 9.48 -12.57
C GLY F 245 37.83 10.79 -13.31
N THR F 246 38.75 11.71 -13.02
CA THR F 246 38.82 13.00 -13.68
C THR F 246 40.27 13.25 -14.10
N PRO F 247 40.51 13.65 -15.35
CA PRO F 247 41.88 13.86 -15.82
C PRO F 247 42.40 15.24 -15.46
N VAL F 248 43.64 15.28 -14.97
CA VAL F 248 44.29 16.52 -14.56
C VAL F 248 45.60 16.60 -15.31
N THR F 249 45.78 17.70 -16.06
CA THR F 249 46.97 17.93 -16.85
C THR F 249 47.64 19.20 -16.35
N VAL F 250 48.76 19.03 -15.65
CA VAL F 250 49.60 20.16 -15.24
C VAL F 250 50.39 20.59 -16.47
N SER F 251 49.96 21.67 -17.11
CA SER F 251 50.51 22.08 -18.40
C SER F 251 51.51 23.19 -18.20
N SER F 252 52.77 22.92 -18.57
CA SER F 252 53.94 23.80 -18.41
C SER F 252 53.62 25.29 -18.19
C1 GOL G . -19.82 -17.90 18.36
O1 GOL G . -18.80 -17.73 19.29
C2 GOL G . -19.49 -19.19 17.55
O2 GOL G . -20.64 -19.89 17.23
C3 GOL G . -18.74 -18.69 16.31
O3 GOL G . -17.99 -19.76 15.83
S SO4 H . -18.62 -5.90 10.98
O1 SO4 H . -19.44 -7.04 10.57
O2 SO4 H . -19.48 -4.75 11.23
O3 SO4 H . -17.67 -5.57 9.93
O4 SO4 H . -17.90 -6.23 12.21
S SO4 I . -54.13 -2.12 -12.87
O1 SO4 I . -55.18 -1.27 -12.31
O2 SO4 I . -54.09 -1.94 -14.33
O3 SO4 I . -54.43 -3.52 -12.57
O4 SO4 I . -52.84 -1.75 -12.30
C1 GOL J . -19.47 25.59 -15.66
O1 GOL J . -19.39 24.73 -16.76
C2 GOL J . -18.02 25.92 -15.22
O2 GOL J . -17.34 26.63 -16.20
C3 GOL J . -18.16 26.72 -13.92
O3 GOL J . -18.97 27.82 -14.22
C1 GOL K . -6.78 14.58 -36.64
O1 GOL K . -7.53 13.41 -36.79
C2 GOL K . -5.47 14.17 -35.94
O2 GOL K . -5.69 13.33 -34.85
C3 GOL K . -4.83 15.52 -35.50
O3 GOL K . -3.51 15.26 -35.17
S SO4 L . -20.24 16.10 -5.29
O1 SO4 L . -20.51 17.54 -5.40
O2 SO4 L . -21.48 15.37 -5.50
O3 SO4 L . -19.26 15.73 -6.30
O4 SO4 L . -19.71 15.81 -3.97
S SO4 M . -6.54 7.01 -29.06
O1 SO4 M . -5.91 8.26 -29.47
O2 SO4 M . -7.91 7.29 -28.63
O3 SO4 M . -6.56 6.09 -30.19
O4 SO4 M . -5.79 6.42 -27.96
S SO4 N . 18.23 4.42 16.42
O1 SO4 N . 17.94 5.47 15.45
O2 SO4 N . 16.98 3.87 16.93
O3 SO4 N . 19.01 3.37 15.78
O4 SO4 N . 19.00 4.98 17.54
S SO4 O . 17.59 7.87 25.67
O1 SO4 O . 18.47 9.03 25.62
O2 SO4 O . 16.61 8.04 26.73
O3 SO4 O . 16.90 7.72 24.39
O4 SO4 O . 18.38 6.67 25.93
C1 GOL P . 33.26 1.94 33.23
O1 GOL P . 32.25 1.01 32.99
C2 GOL P . 33.10 3.03 32.15
O2 GOL P . 31.89 3.69 32.25
C3 GOL P . 34.30 3.98 32.41
O3 GOL P . 34.23 4.36 33.75
#